data_5DYY
#
_entry.id   5DYY
#
_cell.length_a   75.970
_cell.length_b   80.190
_cell.length_c   232.910
_cell.angle_alpha   90.00
_cell.angle_beta   90.00
_cell.angle_gamma   90.00
#
_symmetry.space_group_name_H-M   'P 21 21 21'
#
loop_
_entity.id
_entity.type
_entity.pdbx_description
1 polymer Cholinesterase
2 branched alpha-L-fucopyranose-(1-6)-2-acetamido-2-deoxy-beta-D-glucopyranose
3 branched 2-acetamido-2-deoxy-beta-D-glucopyranose-(1-4)-2-acetamido-2-deoxy-beta-D-glucopyranose
4 branched beta-L-fucopyranose-(1-6)-2-acetamido-2-deoxy-beta-D-glucopyranose
5 branched 2-acetamido-2-deoxy-beta-D-glucopyranose-(1-4)-[beta-L-fucopyranose-(1-6)]2-acetamido-2-deoxy-beta-D-glucopyranose
6 non-polymer GLYCEROL
7 non-polymer 1,2-ETHANEDIOL
8 non-polymer N-{[(3R)-1-benzylpiperidin-3-yl]methyl}naphthalene-2-sulfonamide
9 non-polymer 'CHLORIDE ION'
10 non-polymer 2-acetamido-2-deoxy-beta-D-glucopyranose
11 water water
#
_entity_poly.entity_id   1
_entity_poly.type   'polypeptide(L)'
_entity_poly.pdbx_seq_one_letter_code
;TEDDIIIATKNGKVRGMNLTVFGGTVTAFLGIPYAQPPLGRLRFKKPQSLTKWSDIWNATKYANSC(CSO)QNIDQSFPG
FHGSEMWNPNTDLSEDCLYLNVWIPAPKPKNATVLIWIYGGGFQTGTSSLHVYDGKFLARVERVIVVSMNYRVGALGFLA
LPGNPEAPGNMGLFDQQLALQWVQKNIAAFGGNPKSVTLFGESAGAASVSLHLLSPGSHSLFTRAILQSGSFNAPWAVTS
LYEARNRTLNLAKLTGCSRENETEIIKCLRNKDPQEILLNEAFVVPYGTPLSVNFGPTVDGDFLTDMPDILLELGQFKKT
QILVGVNKDEGTAFLVYGAPGFSKDNNSIITRKEFQEGLKIFFPGVSEFGKESILFHYTDWVDDQRPENYREALGDVVGD
YNFICPALEFTKKFSEWGNNAFFYYFEHRSSKLPWPEWMGVMHGYEIEFVFGLPLERRDNYTKAEEILSRSIVKRWANFA
KYGNPNETQNNSTSWPVFKSTEQKYLTLNTESTRIMTKLRAQQCRFWTSFFPKV
;
_entity_poly.pdbx_strand_id   A,B
#
loop_
_chem_comp.id
_chem_comp.type
_chem_comp.name
_chem_comp.formula
5HH non-polymer N-{[(3R)-1-benzylpiperidin-3-yl]methyl}naphthalene-2-sulfonamide 'C23 H26 N2 O2 S'
CL non-polymer 'CHLORIDE ION' 'Cl -1'
EDO non-polymer 1,2-ETHANEDIOL 'C2 H6 O2'
FUC L-saccharide, alpha linking alpha-L-fucopyranose 'C6 H12 O5'
FUL L-saccharide, beta linking beta-L-fucopyranose 'C6 H12 O5'
GOL non-polymer GLYCEROL 'C3 H8 O3'
NAG D-saccharide, beta linking 2-acetamido-2-deoxy-beta-D-glucopyranose 'C8 H15 N O6'
#
# COMPACT_ATOMS: atom_id res chain seq x y z
N ASP A 4 -28.50 15.50 -26.98
CA ASP A 4 -27.37 15.21 -27.87
C ASP A 4 -26.03 15.18 -27.12
N ILE A 5 -25.18 14.23 -27.51
CA ILE A 5 -23.93 13.89 -26.83
C ILE A 5 -22.72 14.52 -27.55
N ILE A 6 -22.32 15.73 -27.14
CA ILE A 6 -21.30 16.48 -27.89
C ILE A 6 -20.28 17.11 -26.94
N ILE A 7 -18.99 16.87 -27.23
CA ILE A 7 -17.89 17.48 -26.50
C ILE A 7 -17.07 18.29 -27.50
N ALA A 8 -16.53 19.42 -27.03
CA ALA A 8 -15.75 20.34 -27.87
C ALA A 8 -14.27 20.09 -27.60
N THR A 9 -13.62 19.37 -28.50
CA THR A 9 -12.17 19.21 -28.43
C THR A 9 -11.47 20.34 -29.17
N LYS A 10 -10.18 20.49 -28.90
CA LYS A 10 -9.44 21.59 -29.51
C LYS A 10 -9.28 21.43 -31.03
N ASN A 11 -9.67 20.30 -31.59
CA ASN A 11 -9.64 20.08 -33.03
C ASN A 11 -11.03 20.16 -33.65
N GLY A 12 -12.03 20.39 -32.85
CA GLY A 12 -13.40 20.39 -33.30
C GLY A 12 -14.29 19.73 -32.28
N LYS A 13 -15.53 19.51 -32.68
CA LYS A 13 -16.54 18.90 -31.84
C LYS A 13 -16.75 17.44 -32.25
N VAL A 14 -17.02 16.60 -31.27
CA VAL A 14 -17.25 15.18 -31.50
C VAL A 14 -18.60 14.79 -30.91
N ARG A 15 -19.26 13.82 -31.56
CA ARG A 15 -20.53 13.28 -31.13
C ARG A 15 -20.34 11.81 -30.73
N GLY A 16 -20.86 11.43 -29.56
CA GLY A 16 -20.75 10.06 -29.09
C GLY A 16 -22.03 9.25 -29.08
N MET A 17 -22.13 8.29 -28.16
CA MET A 17 -23.28 7.42 -28.03
C MET A 17 -23.45 7.04 -26.57
N ASN A 18 -24.68 6.67 -26.21
CA ASN A 18 -25.01 6.21 -24.87
C ASN A 18 -25.06 4.69 -24.87
N LEU A 19 -24.49 4.10 -23.83
CA LEU A 19 -24.47 2.66 -23.64
C LEU A 19 -25.11 2.33 -22.31
N THR A 20 -25.85 1.23 -22.27
CA THR A 20 -26.50 0.79 -21.03
C THR A 20 -25.67 -0.33 -20.44
N VAL A 21 -25.07 -0.05 -19.28
CA VAL A 21 -24.20 -0.99 -18.58
C VAL A 21 -24.72 -1.07 -17.15
N PHE A 22 -25.12 -2.27 -16.74
CA PHE A 22 -25.54 -2.58 -15.37
C PHE A 22 -26.47 -1.50 -14.81
N GLY A 23 -27.62 -1.33 -15.45
CA GLY A 23 -28.61 -0.37 -14.99
C GLY A 23 -28.14 1.07 -14.90
N GLY A 24 -27.03 1.41 -15.57
CA GLY A 24 -26.53 2.77 -15.59
C GLY A 24 -26.25 3.21 -17.02
N THR A 25 -25.50 4.30 -17.20
CA THR A 25 -25.12 4.71 -18.54
C THR A 25 -23.61 4.93 -18.61
N VAL A 26 -23.04 4.59 -19.77
CA VAL A 26 -21.67 4.93 -20.12
C VAL A 26 -21.70 5.65 -21.47
N THR A 27 -21.27 6.92 -21.47
CA THR A 27 -21.05 7.66 -22.70
C THR A 27 -19.78 7.18 -23.42
N ALA A 28 -19.92 6.83 -24.70
CA ALA A 28 -18.80 6.31 -25.48
C ALA A 28 -18.56 7.16 -26.71
N PHE A 29 -17.31 7.56 -26.93
CA PHE A 29 -16.88 8.17 -28.19
C PHE A 29 -15.87 7.21 -28.82
N LEU A 30 -16.29 6.48 -29.84
CA LEU A 30 -15.43 5.52 -30.51
C LEU A 30 -14.94 6.10 -31.84
N GLY A 31 -13.62 6.07 -32.05
CA GLY A 31 -13.05 6.45 -33.32
C GLY A 31 -12.68 7.91 -33.47
N ILE A 32 -12.33 8.60 -32.39
CA ILE A 32 -11.81 9.96 -32.50
C ILE A 32 -10.45 9.94 -33.18
N PRO A 33 -10.19 10.78 -34.18
CA PRO A 33 -8.83 10.86 -34.74
C PRO A 33 -7.94 11.73 -33.88
N TYR A 34 -6.67 11.34 -33.79
CA TYR A 34 -5.69 12.07 -32.99
C TYR A 34 -4.46 12.48 -33.80
N ALA A 35 -4.41 12.15 -35.09
CA ALA A 35 -3.28 12.46 -35.95
C ALA A 35 -3.75 12.48 -37.40
N GLN A 36 -2.97 13.15 -38.25
CA GLN A 36 -3.21 13.07 -39.68
C GLN A 36 -3.01 11.64 -40.14
N PRO A 37 -3.84 11.13 -41.05
CA PRO A 37 -3.63 9.76 -41.54
C PRO A 37 -2.25 9.63 -42.15
N PRO A 38 -1.42 8.52 -41.73
CA PRO A 38 -0.04 8.39 -42.21
C PRO A 38 0.01 7.78 -43.62
N LEU A 39 -0.67 8.45 -44.54
CA LEU A 39 -0.80 8.07 -45.94
C LEU A 39 0.30 8.69 -46.80
N GLY A 40 0.50 8.07 -47.97
CA GLY A 40 1.29 8.66 -49.03
C GLY A 40 2.69 9.02 -48.63
N ARG A 41 3.01 10.32 -48.60
CA ARG A 41 4.33 10.78 -48.23
C ARG A 41 4.58 10.70 -46.72
N LEU A 42 3.51 10.57 -45.92
CA LEU A 42 3.64 10.37 -44.48
C LEU A 42 3.83 8.92 -44.07
N ARG A 43 3.91 7.99 -45.03
CA ARG A 43 4.23 6.62 -44.68
C ARG A 43 5.62 6.55 -44.08
N PHE A 44 5.74 5.83 -42.96
CA PHE A 44 6.97 5.59 -42.19
C PHE A 44 7.47 6.82 -41.42
N LYS A 45 6.70 7.89 -41.32
CA LYS A 45 7.14 9.05 -40.55
C LYS A 45 6.40 9.12 -39.23
N LYS A 46 6.94 9.91 -38.30
CA LYS A 46 6.25 10.15 -37.05
C LYS A 46 4.86 10.74 -37.31
N PRO A 47 3.91 10.51 -36.40
CA PRO A 47 2.54 10.99 -36.62
C PRO A 47 2.50 12.50 -36.65
N GLN A 48 1.88 13.05 -37.68
CA GLN A 48 1.74 14.50 -37.80
C GLN A 48 0.48 14.92 -37.08
N SER A 49 0.60 16.01 -36.34
CA SER A 49 -0.48 16.46 -35.48
C SER A 49 -1.69 16.92 -36.29
N LEU A 50 -2.85 16.75 -35.69
CA LEU A 50 -4.11 17.02 -36.39
C LEU A 50 -4.33 18.51 -36.55
N THR A 51 -5.20 18.87 -37.49
CA THR A 51 -5.49 20.29 -37.70
C THR A 51 -6.78 20.72 -36.99
N LYS A 52 -7.84 21.02 -37.75
CA LYS A 52 -9.16 21.28 -37.18
C LYS A 52 -10.22 21.03 -38.24
N TRP A 53 -11.26 20.32 -37.86
CA TRP A 53 -12.44 20.14 -38.70
C TRP A 53 -13.56 21.07 -38.24
N SER A 54 -14.49 21.37 -39.14
CA SER A 54 -15.58 22.25 -38.76
C SER A 54 -16.89 21.54 -38.55
N ASP A 55 -17.04 20.34 -39.10
CA ASP A 55 -18.26 19.56 -38.90
C ASP A 55 -18.38 19.19 -37.41
N ILE A 56 -19.20 18.18 -37.14
CA ILE A 56 -19.11 17.41 -35.91
C ILE A 56 -18.66 16.03 -36.33
N TRP A 57 -17.53 15.57 -35.78
CA TRP A 57 -17.06 14.22 -36.05
C TRP A 57 -17.93 13.23 -35.29
N ASN A 58 -18.41 12.20 -35.99
CA ASN A 58 -19.36 11.24 -35.41
C ASN A 58 -18.58 10.05 -34.85
N ALA A 59 -18.21 10.12 -33.58
CA ALA A 59 -17.43 9.06 -32.93
C ALA A 59 -18.39 8.03 -32.33
N THR A 60 -18.96 7.22 -33.23
CA THR A 60 -20.04 6.31 -32.88
C THR A 60 -19.82 4.89 -33.38
N LYS A 61 -18.73 4.63 -34.10
CA LYS A 61 -18.28 3.28 -34.35
C LYS A 61 -16.77 3.22 -34.11
N TYR A 62 -16.27 2.01 -33.90
CA TYR A 62 -14.83 1.79 -33.95
C TYR A 62 -14.31 2.10 -35.36
N ALA A 63 -13.06 2.54 -35.45
CA ALA A 63 -12.46 2.94 -36.70
C ALA A 63 -11.64 1.81 -37.34
N ASN A 64 -10.94 2.12 -38.43
CA ASN A 64 -10.11 1.13 -39.09
C ASN A 64 -8.97 0.68 -38.18
N SER A 65 -8.60 -0.59 -38.31
CA SER A 65 -7.43 -1.13 -37.67
C SER A 65 -6.24 -0.94 -38.60
N CYS A 66 -5.08 -0.69 -38.01
CA CYS A 66 -3.86 -0.53 -38.79
C CYS A 66 -3.55 -1.80 -39.56
N CSO A 67 -2.87 -1.64 -40.70
CA CSO A 67 -2.44 -2.79 -41.52
CB CSO A 67 -1.72 -2.36 -42.81
SG CSO A 67 -2.77 -1.25 -43.80
C CSO A 67 -1.59 -3.80 -40.75
O CSO A 67 -0.66 -3.44 -40.03
OD CSO A 67 -3.98 -2.19 -44.73
N GLN A 68 -1.95 -5.07 -40.91
CA GLN A 68 -1.30 -6.17 -40.23
C GLN A 68 -1.68 -7.46 -40.90
N ASN A 69 -0.78 -8.44 -40.89
CA ASN A 69 -1.14 -9.80 -41.24
C ASN A 69 -2.06 -10.39 -40.18
N ILE A 70 -2.88 -11.35 -40.60
CA ILE A 70 -3.86 -12.00 -39.73
C ILE A 70 -3.36 -13.40 -39.40
N ASP A 71 -3.73 -13.89 -38.22
CA ASP A 71 -3.45 -15.25 -37.79
C ASP A 71 -4.59 -16.14 -38.25
N GLN A 72 -4.32 -17.01 -39.22
CA GLN A 72 -5.32 -17.91 -39.77
C GLN A 72 -4.94 -19.37 -39.54
N SER A 73 -4.22 -19.64 -38.44
CA SER A 73 -3.72 -20.98 -38.14
C SER A 73 -4.84 -21.92 -37.73
N PHE A 74 -6.02 -21.39 -37.37
CA PHE A 74 -7.14 -22.22 -36.96
C PHE A 74 -8.42 -21.50 -37.39
N PRO A 75 -8.78 -21.59 -38.67
CA PRO A 75 -10.02 -20.95 -39.15
C PRO A 75 -11.22 -21.44 -38.36
N GLY A 76 -12.07 -20.49 -37.95
CA GLY A 76 -13.23 -20.78 -37.14
C GLY A 76 -12.99 -20.82 -35.64
N PHE A 77 -11.74 -21.01 -35.19
CA PHE A 77 -11.41 -21.12 -33.78
C PHE A 77 -11.52 -19.76 -33.09
N HIS A 78 -12.48 -19.63 -32.17
CA HIS A 78 -12.52 -18.44 -31.33
C HIS A 78 -11.21 -18.21 -30.59
N GLY A 79 -10.46 -19.28 -30.27
CA GLY A 79 -9.22 -19.10 -29.52
C GLY A 79 -8.24 -18.15 -30.18
N SER A 80 -7.97 -18.36 -31.47
CA SER A 80 -7.03 -17.52 -32.20
C SER A 80 -7.70 -16.33 -32.89
N GLU A 81 -8.99 -16.45 -33.24
CA GLU A 81 -9.68 -15.42 -34.00
C GLU A 81 -10.14 -14.26 -33.14
N MET A 82 -10.28 -14.46 -31.83
CA MET A 82 -10.62 -13.36 -30.92
C MET A 82 -9.52 -12.32 -30.85
N TRP A 83 -8.35 -12.59 -31.44
CA TRP A 83 -7.26 -11.63 -31.47
C TRP A 83 -7.14 -10.94 -32.82
N ASN A 84 -7.84 -11.45 -33.84
CA ASN A 84 -7.78 -10.87 -35.17
C ASN A 84 -8.61 -9.59 -35.23
N PRO A 85 -8.26 -8.68 -36.14
CA PRO A 85 -8.95 -7.38 -36.18
C PRO A 85 -10.42 -7.52 -36.57
N ASN A 86 -11.27 -6.81 -35.84
CA ASN A 86 -12.72 -6.80 -36.01
C ASN A 86 -13.25 -5.50 -36.65
N THR A 87 -12.42 -4.79 -37.39
CA THR A 87 -12.85 -3.67 -38.22
C THR A 87 -11.98 -3.73 -39.46
N ASP A 88 -12.36 -2.98 -40.50
CA ASP A 88 -11.59 -3.03 -41.73
C ASP A 88 -10.16 -2.55 -41.50
N LEU A 89 -9.24 -3.07 -42.30
CA LEU A 89 -7.85 -2.66 -42.25
C LEU A 89 -7.56 -1.54 -43.23
N SER A 90 -6.70 -0.60 -42.82
CA SER A 90 -6.33 0.56 -43.61
C SER A 90 -5.10 1.22 -42.99
N GLU A 91 -4.29 1.88 -43.83
CA GLU A 91 -3.19 2.70 -43.33
C GLU A 91 -3.70 3.91 -42.55
N ASP A 92 -4.95 4.29 -42.75
CA ASP A 92 -5.60 5.42 -42.07
C ASP A 92 -6.25 4.83 -40.83
N CYS A 93 -5.51 4.84 -39.71
CA CYS A 93 -5.94 4.09 -38.54
C CYS A 93 -5.63 4.78 -37.20
N LEU A 94 -5.16 6.03 -37.21
CA LEU A 94 -4.73 6.68 -35.98
C LEU A 94 -5.95 7.30 -35.30
N TYR A 95 -6.73 6.43 -34.65
CA TYR A 95 -7.96 6.79 -33.92
C TYR A 95 -7.90 6.28 -32.49
N LEU A 96 -8.65 6.94 -31.60
CA LEU A 96 -8.74 6.58 -30.20
C LEU A 96 -10.20 6.57 -29.74
N ASN A 97 -10.44 5.86 -28.64
CA ASN A 97 -11.77 5.72 -28.07
C ASN A 97 -11.76 6.25 -26.65
N VAL A 98 -12.93 6.69 -26.18
CA VAL A 98 -13.07 7.28 -24.85
C VAL A 98 -14.38 6.81 -24.25
N TRP A 99 -14.32 6.21 -23.06
CA TRP A 99 -15.47 5.77 -22.29
C TRP A 99 -15.58 6.62 -21.03
N ILE A 100 -16.72 7.27 -20.85
CA ILE A 100 -16.89 8.18 -19.72
C ILE A 100 -18.03 7.67 -18.85
N PRO A 101 -17.91 7.70 -17.52
CA PRO A 101 -19.04 7.30 -16.68
C PRO A 101 -20.14 8.36 -16.66
N ALA A 102 -21.38 7.90 -16.58
CA ALA A 102 -22.56 8.76 -16.51
C ALA A 102 -23.20 8.65 -15.14
N PRO A 103 -23.45 9.79 -14.46
CA PRO A 103 -23.31 11.18 -14.93
C PRO A 103 -21.86 11.65 -15.08
N LYS A 104 -21.64 12.68 -15.91
CA LYS A 104 -20.29 13.10 -16.23
C LYS A 104 -19.47 13.32 -14.96
N PRO A 105 -18.23 12.84 -14.92
CA PRO A 105 -17.35 13.13 -13.79
C PRO A 105 -16.73 14.50 -13.96
N LYS A 106 -16.14 14.99 -12.87
CA LYS A 106 -15.57 16.32 -12.83
C LYS A 106 -14.05 16.34 -12.74
N ASN A 107 -13.43 15.24 -12.31
CA ASN A 107 -11.97 15.13 -12.28
C ASN A 107 -11.55 13.67 -12.22
N ALA A 108 -12.20 12.82 -13.01
CA ALA A 108 -11.94 11.39 -12.93
C ALA A 108 -10.50 11.06 -13.31
N THR A 109 -9.99 9.99 -12.70
CA THR A 109 -8.77 9.33 -13.10
C THR A 109 -8.94 8.65 -14.46
N VAL A 110 -7.87 8.66 -15.27
CA VAL A 110 -7.92 8.13 -16.63
C VAL A 110 -7.02 6.90 -16.73
N LEU A 111 -7.57 5.79 -17.24
CA LEU A 111 -6.80 4.60 -17.61
C LEU A 111 -6.65 4.52 -19.12
N ILE A 112 -5.41 4.47 -19.61
CA ILE A 112 -5.10 4.43 -21.05
C ILE A 112 -4.53 3.07 -21.40
N TRP A 113 -5.28 2.31 -22.17
CA TRP A 113 -4.91 0.95 -22.56
C TRP A 113 -4.08 0.97 -23.82
N ILE A 114 -3.05 0.11 -23.84
CA ILE A 114 -2.16 -0.09 -24.99
C ILE A 114 -2.12 -1.58 -25.27
N TYR A 115 -2.72 -2.02 -26.39
CA TYR A 115 -2.79 -3.45 -26.70
C TYR A 115 -1.42 -4.01 -27.08
N GLY A 116 -1.29 -5.33 -26.94
CA GLY A 116 -0.15 -6.06 -27.45
C GLY A 116 -0.43 -6.76 -28.78
N GLY A 117 0.53 -7.59 -29.18
CA GLY A 117 0.46 -8.29 -30.44
C GLY A 117 1.80 -8.36 -31.16
N GLY A 118 2.87 -8.54 -30.38
CA GLY A 118 4.22 -8.67 -30.90
C GLY A 118 4.75 -7.49 -31.69
N PHE A 119 4.16 -6.31 -31.50
CA PHE A 119 4.37 -5.11 -32.31
C PHE A 119 4.03 -5.31 -33.80
N GLN A 120 3.42 -6.43 -34.17
CA GLN A 120 3.01 -6.71 -35.54
C GLN A 120 1.49 -6.79 -35.74
N THR A 121 0.72 -6.93 -34.67
CA THR A 121 -0.73 -7.12 -34.77
C THR A 121 -1.40 -6.38 -33.62
N GLY A 122 -2.73 -6.37 -33.64
CA GLY A 122 -3.49 -5.82 -32.54
C GLY A 122 -4.34 -4.64 -32.91
N THR A 123 -5.38 -4.39 -32.13
CA THR A 123 -6.29 -3.28 -32.39
C THR A 123 -7.06 -3.03 -31.10
N SER A 124 -7.43 -1.76 -30.88
CA SER A 124 -8.09 -1.37 -29.64
C SER A 124 -9.58 -1.72 -29.63
N SER A 125 -10.13 -2.18 -30.74
CA SER A 125 -11.56 -2.41 -30.87
C SER A 125 -12.01 -3.83 -30.48
N LEU A 126 -11.06 -4.71 -30.13
CA LEU A 126 -11.40 -6.07 -29.75
C LEU A 126 -12.34 -6.10 -28.55
N HIS A 127 -13.18 -7.15 -28.50
CA HIS A 127 -14.21 -7.25 -27.46
C HIS A 127 -13.60 -7.28 -26.07
N VAL A 128 -12.42 -7.90 -25.92
CA VAL A 128 -11.77 -8.00 -24.61
C VAL A 128 -11.17 -6.68 -24.13
N TYR A 129 -11.07 -5.64 -24.95
CA TYR A 129 -10.56 -4.35 -24.50
C TYR A 129 -11.66 -3.31 -24.27
N ASP A 130 -12.90 -3.77 -24.09
CA ASP A 130 -14.07 -2.89 -23.96
C ASP A 130 -14.06 -2.18 -22.59
N GLY A 131 -13.79 -0.87 -22.60
CA GLY A 131 -13.68 -0.09 -21.39
C GLY A 131 -14.97 0.39 -20.75
N LYS A 132 -16.15 -0.04 -21.23
CA LYS A 132 -17.39 0.44 -20.63
C LYS A 132 -17.58 -0.11 -19.21
N PHE A 133 -17.16 -1.35 -18.96
CA PHE A 133 -17.34 -1.90 -17.63
C PHE A 133 -16.52 -1.14 -16.60
N LEU A 134 -15.25 -0.84 -16.94
CA LEU A 134 -14.39 -0.12 -16.00
C LEU A 134 -14.96 1.26 -15.71
N ALA A 135 -15.42 1.96 -16.75
CA ALA A 135 -16.05 3.26 -16.53
C ALA A 135 -17.27 3.11 -15.62
N ARG A 136 -18.14 2.14 -15.93
CA ARG A 136 -19.37 1.96 -15.16
C ARG A 136 -19.09 1.63 -13.70
N VAL A 137 -18.19 0.68 -13.46
CA VAL A 137 -18.09 0.07 -12.15
C VAL A 137 -17.18 0.86 -11.21
N GLU A 138 -16.16 1.53 -11.75
CA GLU A 138 -15.18 2.25 -10.93
C GLU A 138 -15.13 3.74 -11.20
N ARG A 139 -15.96 4.24 -12.14
CA ARG A 139 -16.06 5.67 -12.43
CA ARG A 139 -16.08 5.66 -12.47
C ARG A 139 -14.74 6.23 -12.96
N VAL A 140 -14.04 5.45 -13.76
CA VAL A 140 -12.82 5.92 -14.40
C VAL A 140 -13.14 6.21 -15.85
N ILE A 141 -12.40 7.14 -16.43
CA ILE A 141 -12.34 7.29 -17.87
C ILE A 141 -11.39 6.25 -18.45
N VAL A 142 -11.79 5.61 -19.54
CA VAL A 142 -10.97 4.61 -20.21
C VAL A 142 -10.73 5.09 -21.65
N VAL A 143 -9.46 5.11 -22.06
CA VAL A 143 -9.00 5.57 -23.37
C VAL A 143 -8.16 4.47 -23.98
N SER A 144 -8.29 4.26 -25.29
CA SER A 144 -7.38 3.37 -26.01
C SER A 144 -7.15 3.89 -27.42
N MET A 145 -6.03 3.52 -28.02
CA MET A 145 -5.68 4.06 -29.33
C MET A 145 -5.15 2.95 -30.23
N ASN A 146 -5.35 3.14 -31.53
CA ASN A 146 -4.71 2.31 -32.54
C ASN A 146 -3.36 2.93 -32.88
N TYR A 147 -2.32 2.08 -32.94
CA TYR A 147 -0.99 2.53 -33.30
C TYR A 147 -0.44 1.60 -34.38
N ARG A 148 0.43 2.14 -35.24
CA ARG A 148 0.96 1.39 -36.37
C ARG A 148 1.82 0.22 -35.92
N VAL A 149 1.55 -0.97 -36.49
CA VAL A 149 2.30 -2.18 -36.20
C VAL A 149 3.10 -2.63 -37.43
N GLY A 150 3.96 -3.62 -37.23
CA GLY A 150 4.82 -4.15 -38.30
C GLY A 150 5.77 -3.11 -38.92
N ALA A 151 6.19 -3.40 -40.15
CA ALA A 151 7.12 -2.52 -40.86
C ALA A 151 6.59 -1.09 -40.97
N LEU A 152 5.28 -0.94 -41.20
CA LEU A 152 4.72 0.42 -41.25
C LEU A 152 4.88 1.15 -39.92
N GLY A 153 4.97 0.40 -38.81
CA GLY A 153 5.08 1.01 -37.50
C GLY A 153 6.48 1.19 -36.99
N PHE A 154 7.41 0.32 -37.43
CA PHE A 154 8.71 0.23 -36.78
C PHE A 154 9.90 0.08 -37.73
N LEU A 155 9.70 0.19 -39.05
CA LEU A 155 10.81 0.26 -39.98
C LEU A 155 11.78 1.36 -39.57
N ALA A 156 13.08 1.04 -39.56
CA ALA A 156 14.07 1.96 -39.02
C ALA A 156 15.29 2.10 -39.93
N LEU A 157 15.52 3.32 -40.42
CA LEU A 157 16.83 3.78 -40.88
C LEU A 157 17.24 4.85 -39.88
N PRO A 158 17.97 4.49 -38.82
CA PRO A 158 18.11 5.38 -37.65
C PRO A 158 18.76 6.71 -38.00
N GLY A 159 18.09 7.80 -37.58
CA GLY A 159 18.53 9.15 -37.82
C GLY A 159 17.97 9.78 -39.07
N ASN A 160 17.28 9.00 -39.92
CA ASN A 160 16.66 9.48 -41.13
C ASN A 160 15.19 9.80 -40.87
N PRO A 161 14.79 11.08 -40.85
CA PRO A 161 13.38 11.39 -40.54
C PRO A 161 12.38 10.76 -41.49
N GLU A 162 12.82 10.23 -42.64
CA GLU A 162 11.86 9.64 -43.57
C GLU A 162 11.36 8.28 -43.09
N ALA A 163 12.14 7.60 -42.24
CA ALA A 163 11.80 6.32 -41.61
C ALA A 163 12.69 6.13 -40.39
N PRO A 164 12.41 6.85 -39.30
CA PRO A 164 13.38 6.94 -38.20
C PRO A 164 13.32 5.81 -37.18
N GLY A 165 12.26 5.01 -37.18
CA GLY A 165 12.06 3.99 -36.18
C GLY A 165 11.08 4.45 -35.12
N ASN A 166 10.47 3.45 -34.44
CA ASN A 166 9.62 3.67 -33.27
C ASN A 166 8.39 4.53 -33.58
N MET A 167 7.88 4.51 -34.80
CA MET A 167 6.77 5.42 -35.13
C MET A 167 5.52 5.04 -34.36
N GLY A 168 5.25 3.72 -34.24
CA GLY A 168 4.10 3.25 -33.47
C GLY A 168 4.14 3.73 -32.02
N LEU A 169 5.34 3.74 -31.42
CA LEU A 169 5.49 4.31 -30.09
C LEU A 169 5.26 5.83 -30.09
N PHE A 170 5.68 6.55 -31.15
CA PHE A 170 5.28 7.95 -31.20
C PHE A 170 3.77 8.09 -31.40
N ASP A 171 3.15 7.16 -32.14
CA ASP A 171 1.70 7.13 -32.25
C ASP A 171 1.06 7.08 -30.88
N GLN A 172 1.44 6.10 -30.07
CA GLN A 172 0.93 6.03 -28.71
C GLN A 172 1.18 7.34 -27.97
N GLN A 173 2.39 7.89 -28.12
CA GLN A 173 2.73 9.11 -27.38
C GLN A 173 1.84 10.27 -27.78
N LEU A 174 1.55 10.40 -29.08
CA LEU A 174 0.63 11.45 -29.53
C LEU A 174 -0.75 11.30 -28.90
N ALA A 175 -1.28 10.07 -28.82
CA ALA A 175 -2.56 9.86 -28.16
C ALA A 175 -2.50 10.31 -26.71
N LEU A 176 -1.35 10.10 -26.05
CA LEU A 176 -1.24 10.58 -24.67
C LEU A 176 -1.24 12.11 -24.66
N GLN A 177 -0.59 12.72 -25.64
CA GLN A 177 -0.62 14.18 -25.80
C GLN A 177 -2.06 14.67 -25.97
N TRP A 178 -2.84 13.95 -26.77
CA TRP A 178 -4.26 14.28 -26.92
C TRP A 178 -5.00 14.23 -25.57
N VAL A 179 -4.77 13.17 -24.78
CA VAL A 179 -5.45 13.07 -23.48
C VAL A 179 -5.09 14.27 -22.61
N GLN A 180 -3.81 14.62 -22.55
CA GLN A 180 -3.40 15.83 -21.87
C GLN A 180 -4.16 17.05 -22.37
N LYS A 181 -4.18 17.26 -23.68
CA LYS A 181 -4.77 18.50 -24.20
C LYS A 181 -6.28 18.52 -24.04
N ASN A 182 -6.95 17.35 -24.08
CA ASN A 182 -8.37 17.30 -24.30
C ASN A 182 -9.20 16.58 -23.24
N ILE A 183 -8.59 15.89 -22.28
CA ILE A 183 -9.44 14.98 -21.51
C ILE A 183 -10.30 15.75 -20.49
N ALA A 184 -9.81 16.90 -19.99
CA ALA A 184 -10.62 17.74 -19.09
C ALA A 184 -12.02 17.95 -19.65
N ALA A 185 -12.10 18.36 -20.92
CA ALA A 185 -13.38 18.56 -21.60
C ALA A 185 -14.33 17.38 -21.45
N PHE A 186 -13.82 16.18 -21.17
CA PHE A 186 -14.67 15.01 -20.98
C PHE A 186 -14.93 14.71 -19.51
N GLY A 187 -14.25 15.41 -18.60
CA GLY A 187 -14.38 15.17 -17.16
C GLY A 187 -13.19 14.51 -16.51
N GLY A 188 -12.12 14.19 -17.27
CA GLY A 188 -10.97 13.48 -16.73
C GLY A 188 -9.87 14.39 -16.22
N ASN A 189 -9.13 13.90 -15.23
CA ASN A 189 -8.03 14.66 -14.66
C ASN A 189 -6.74 14.33 -15.41
N PRO A 190 -6.17 15.24 -16.21
CA PRO A 190 -4.89 14.95 -16.87
C PRO A 190 -3.72 14.75 -15.89
N LYS A 191 -3.89 15.05 -14.60
CA LYS A 191 -2.83 14.80 -13.63
C LYS A 191 -2.99 13.46 -12.92
N SER A 192 -3.98 12.69 -13.31
CA SER A 192 -4.22 11.35 -12.78
C SER A 192 -4.45 10.42 -13.97
N VAL A 193 -3.37 10.07 -14.66
CA VAL A 193 -3.40 9.26 -15.87
C VAL A 193 -2.52 8.04 -15.64
N THR A 194 -3.11 6.85 -15.79
CA THR A 194 -2.41 5.58 -15.60
C THR A 194 -2.43 4.81 -16.90
N LEU A 195 -1.23 4.50 -17.42
CA LEU A 195 -1.13 3.63 -18.59
C LEU A 195 -1.21 2.18 -18.16
N PHE A 196 -1.87 1.35 -18.97
CA PHE A 196 -1.77 -0.09 -18.78
C PHE A 196 -1.83 -0.78 -20.13
N GLY A 197 -1.20 -1.95 -20.19
CA GLY A 197 -1.16 -2.73 -21.41
C GLY A 197 -0.66 -4.12 -21.11
N GLU A 198 -0.74 -4.97 -22.14
CA GLU A 198 -0.41 -6.38 -21.98
C GLU A 198 0.56 -6.82 -23.08
N SER A 199 1.56 -7.61 -22.70
CA SER A 199 2.52 -8.18 -23.64
C SER A 199 3.34 -7.06 -24.29
N ALA A 200 3.34 -6.96 -25.63
CA ALA A 200 4.01 -5.83 -26.29
C ALA A 200 3.42 -4.49 -25.88
N GLY A 201 2.14 -4.48 -25.46
CA GLY A 201 1.59 -3.28 -24.85
C GLY A 201 2.24 -2.95 -23.52
N ALA A 202 2.61 -3.98 -22.75
CA ALA A 202 3.29 -3.75 -21.48
C ALA A 202 4.75 -3.36 -21.70
N ALA A 203 5.42 -4.02 -22.67
CA ALA A 203 6.72 -3.53 -23.10
C ALA A 203 6.68 -2.06 -23.54
N SER A 204 5.61 -1.64 -24.24
CA SER A 204 5.49 -0.23 -24.62
C SER A 204 5.37 0.67 -23.39
N VAL A 205 4.54 0.26 -22.42
CA VAL A 205 4.38 1.03 -21.19
C VAL A 205 5.71 1.19 -20.46
N SER A 206 6.52 0.12 -20.41
CA SER A 206 7.82 0.27 -19.75
C SER A 206 8.74 1.20 -20.54
N LEU A 207 8.59 1.25 -21.87
CA LEU A 207 9.43 2.15 -22.65
C LEU A 207 9.01 3.61 -22.47
N HIS A 208 7.71 3.87 -22.25
CA HIS A 208 7.28 5.23 -21.92
C HIS A 208 7.83 5.70 -20.57
N LEU A 209 8.08 4.77 -19.65
CA LEU A 209 8.78 5.10 -18.43
C LEU A 209 10.20 5.59 -18.70
N LEU A 210 10.86 5.02 -19.72
CA LEU A 210 12.23 5.43 -20.03
C LEU A 210 12.29 6.69 -20.87
N SER A 211 11.25 7.00 -21.64
CA SER A 211 11.35 8.01 -22.68
C SER A 211 11.01 9.39 -22.14
N PRO A 212 11.95 10.34 -22.13
CA PRO A 212 11.67 11.64 -21.50
C PRO A 212 10.46 12.38 -22.09
N GLY A 213 10.23 12.30 -23.40
CA GLY A 213 9.09 12.97 -23.99
C GLY A 213 7.74 12.42 -23.54
N SER A 214 7.71 11.24 -22.93
CA SER A 214 6.46 10.74 -22.38
C SER A 214 6.27 11.13 -20.92
N HIS A 215 7.37 11.47 -20.22
CA HIS A 215 7.31 11.56 -18.77
CA HIS A 215 7.39 11.70 -18.77
C HIS A 215 6.18 12.47 -18.27
N SER A 216 5.87 13.59 -18.94
CA SER A 216 4.81 14.48 -18.49
C SER A 216 3.44 14.07 -19.01
N LEU A 217 3.31 12.93 -19.69
CA LEU A 217 2.03 12.57 -20.29
C LEU A 217 1.25 11.51 -19.49
N PHE A 218 1.77 11.04 -18.36
CA PHE A 218 1.05 10.06 -17.55
C PHE A 218 1.57 10.13 -16.12
N THR A 219 0.87 9.42 -15.22
CA THR A 219 1.20 9.42 -13.80
C THR A 219 1.82 8.10 -13.34
N ARG A 220 1.18 6.96 -13.65
CA ARG A 220 1.59 5.66 -13.17
C ARG A 220 1.48 4.64 -14.31
N ALA A 221 2.07 3.46 -14.11
CA ALA A 221 2.17 2.41 -15.13
C ALA A 221 1.67 1.07 -14.61
N ILE A 222 0.99 0.30 -15.48
CA ILE A 222 0.61 -1.08 -15.17
C ILE A 222 1.09 -1.98 -16.30
N LEU A 223 1.88 -3.00 -15.98
CA LEU A 223 2.53 -3.87 -16.96
C LEU A 223 2.06 -5.30 -16.76
N GLN A 224 1.38 -5.84 -17.76
CA GLN A 224 0.79 -7.18 -17.72
C GLN A 224 1.52 -8.05 -18.74
N SER A 225 2.24 -9.06 -18.26
CA SER A 225 2.90 -10.03 -19.14
C SER A 225 3.85 -9.39 -20.15
N GLY A 226 4.60 -8.37 -19.72
CA GLY A 226 5.67 -7.87 -20.57
C GLY A 226 6.43 -6.70 -19.98
N SER A 227 7.67 -6.56 -20.46
CA SER A 227 8.56 -5.46 -20.11
C SER A 227 9.62 -5.35 -21.20
N PHE A 228 10.32 -4.22 -21.24
CA PHE A 228 11.24 -4.01 -22.36
C PHE A 228 12.43 -4.94 -22.33
N ASN A 229 12.75 -5.51 -21.18
CA ASN A 229 13.95 -6.33 -21.05
C ASN A 229 13.68 -7.78 -21.37
N ALA A 230 12.44 -8.11 -21.76
CA ALA A 230 12.16 -9.40 -22.35
C ALA A 230 13.02 -9.62 -23.59
N PRO A 231 13.45 -10.86 -23.85
CA PRO A 231 14.37 -11.09 -24.98
C PRO A 231 13.80 -10.70 -26.33
N TRP A 232 12.48 -10.56 -26.47
CA TRP A 232 11.88 -10.28 -27.77
C TRP A 232 11.56 -8.80 -28.01
N ALA A 233 11.73 -7.93 -27.02
CA ALA A 233 11.07 -6.63 -27.09
C ALA A 233 11.88 -5.57 -27.82
N VAL A 234 13.21 -5.58 -27.76
CA VAL A 234 14.00 -4.51 -28.37
C VAL A 234 15.05 -5.09 -29.31
N THR A 235 15.19 -4.45 -30.47
CA THR A 235 16.15 -4.79 -31.51
C THR A 235 17.31 -3.80 -31.46
N SER A 236 18.53 -4.32 -31.59
CA SER A 236 19.69 -3.43 -31.66
C SER A 236 19.62 -2.58 -32.92
N LEU A 237 20.18 -1.37 -32.80
CA LEU A 237 20.08 -0.34 -33.84
C LEU A 237 20.48 -0.88 -35.22
N TYR A 238 21.52 -1.71 -35.28
CA TYR A 238 21.97 -2.20 -36.58
C TYR A 238 21.32 -3.50 -37.03
N GLU A 239 20.69 -4.26 -36.14
CA GLU A 239 19.88 -5.38 -36.60
C GLU A 239 18.59 -4.89 -37.28
N ALA A 240 18.09 -3.74 -36.84
CA ALA A 240 16.87 -3.18 -37.41
C ALA A 240 17.13 -2.57 -38.78
N ARG A 241 18.22 -1.81 -38.92
CA ARG A 241 18.56 -1.26 -40.23
C ARG A 241 18.87 -2.36 -41.22
N ASN A 242 19.40 -3.48 -40.74
CA ASN A 242 19.62 -4.61 -41.63
C ASN A 242 18.33 -5.17 -42.17
N ARG A 243 17.34 -5.39 -41.30
CA ARG A 243 16.04 -5.90 -41.75
C ARG A 243 15.33 -4.92 -42.67
N THR A 244 15.54 -3.62 -42.47
CA THR A 244 15.02 -2.63 -43.41
C THR A 244 15.58 -2.87 -44.81
N LEU A 245 16.89 -3.09 -44.91
CA LEU A 245 17.52 -3.30 -46.21
C LEU A 245 17.07 -4.60 -46.86
N ASN A 246 16.84 -5.66 -46.08
CA ASN A 246 16.39 -6.92 -46.68
C ASN A 246 14.93 -6.86 -47.09
N LEU A 247 14.13 -6.01 -46.44
CA LEU A 247 12.79 -5.77 -46.94
C LEU A 247 12.84 -5.00 -48.27
N ALA A 248 13.76 -4.04 -48.39
CA ALA A 248 13.98 -3.35 -49.66
C ALA A 248 14.31 -4.35 -50.77
N LYS A 249 15.32 -5.18 -50.52
CA LYS A 249 15.68 -6.24 -51.47
C LYS A 249 14.49 -7.15 -51.79
N LEU A 250 13.71 -7.54 -50.78
CA LEU A 250 12.61 -8.46 -51.04
C LEU A 250 11.50 -7.86 -51.91
N THR A 251 11.43 -6.52 -52.05
CA THR A 251 10.42 -5.89 -52.87
C THR A 251 11.04 -5.11 -54.03
N GLY A 252 12.32 -5.32 -54.28
CA GLY A 252 12.98 -4.64 -55.38
C GLY A 252 13.10 -3.15 -55.13
N CYS A 253 13.43 -2.77 -53.90
CA CYS A 253 13.60 -1.37 -53.54
C CYS A 253 15.03 -1.09 -53.10
N SER A 254 15.95 -2.02 -53.30
CA SER A 254 17.35 -1.75 -53.00
C SER A 254 17.84 -0.58 -53.84
N ARG A 255 18.45 0.40 -53.18
CA ARG A 255 18.93 1.60 -53.83
C ARG A 255 20.25 1.99 -53.18
N GLU A 256 20.90 3.00 -53.74
CA GLU A 256 22.22 3.38 -53.25
C GLU A 256 22.14 4.33 -52.06
N ASN A 257 21.12 5.17 -52.00
CA ASN A 257 20.93 6.04 -50.86
C ASN A 257 19.60 5.71 -50.18
N GLU A 258 19.56 5.93 -48.87
CA GLU A 258 18.44 5.44 -48.07
C GLU A 258 17.13 6.10 -48.46
N THR A 259 17.16 7.39 -48.75
CA THR A 259 15.90 8.09 -49.04
C THR A 259 15.27 7.60 -50.35
N GLU A 260 16.05 7.06 -51.29
CA GLU A 260 15.43 6.43 -52.45
C GLU A 260 14.80 5.10 -52.07
N ILE A 261 15.46 4.34 -51.20
CA ILE A 261 14.84 3.15 -50.62
C ILE A 261 13.45 3.47 -50.09
N ILE A 262 13.35 4.52 -49.27
CA ILE A 262 12.09 4.85 -48.61
C ILE A 262 11.06 5.28 -49.64
N LYS A 263 11.45 6.20 -50.53
CA LYS A 263 10.59 6.61 -51.64
C LYS A 263 10.11 5.41 -52.44
N CYS A 264 10.98 4.41 -52.62
CA CYS A 264 10.56 3.18 -53.26
C CYS A 264 9.53 2.44 -52.41
N LEU A 265 9.79 2.32 -51.10
CA LEU A 265 8.85 1.61 -50.22
C LEU A 265 7.51 2.32 -50.14
N ARG A 266 7.51 3.64 -50.25
CA ARG A 266 6.29 4.41 -50.15
C ARG A 266 5.32 4.14 -51.30
N ASN A 267 5.79 3.63 -52.44
CA ASN A 267 4.88 3.33 -53.54
C ASN A 267 4.50 1.87 -53.62
N LYS A 268 5.07 1.01 -52.79
CA LYS A 268 4.55 -0.33 -52.64
C LYS A 268 3.17 -0.31 -51.98
N ASP A 269 2.36 -1.27 -52.34
CA ASP A 269 1.07 -1.45 -51.72
C ASP A 269 1.25 -2.15 -50.36
N PRO A 270 0.54 -1.71 -49.30
CA PRO A 270 0.70 -2.34 -47.98
C PRO A 270 0.90 -3.85 -48.00
N GLN A 271 0.08 -4.55 -48.82
CA GLN A 271 0.11 -6.00 -48.85
C GLN A 271 1.45 -6.53 -49.35
N GLU A 272 2.05 -5.86 -50.34
CA GLU A 272 3.38 -6.25 -50.78
C GLU A 272 4.41 -6.12 -49.67
N ILE A 273 4.19 -5.21 -48.73
CA ILE A 273 5.09 -5.06 -47.60
C ILE A 273 4.82 -6.13 -46.54
N LEU A 274 3.55 -6.28 -46.13
CA LEU A 274 3.19 -7.29 -45.14
C LEU A 274 3.53 -8.70 -45.59
N LEU A 275 3.49 -8.95 -46.91
CA LEU A 275 3.78 -10.25 -47.47
C LEU A 275 5.26 -10.62 -47.36
N ASN A 276 6.15 -9.64 -47.19
CA ASN A 276 7.57 -9.88 -47.06
C ASN A 276 8.12 -9.71 -45.65
N GLU A 277 7.31 -9.28 -44.70
CA GLU A 277 7.84 -8.96 -43.37
C GLU A 277 8.45 -10.18 -42.69
N ALA A 278 7.84 -11.36 -42.85
CA ALA A 278 8.37 -12.54 -42.18
C ALA A 278 9.77 -12.88 -42.65
N PHE A 279 10.09 -12.58 -43.91
CA PHE A 279 11.32 -13.03 -44.52
C PHE A 279 12.55 -12.20 -44.14
N VAL A 280 12.42 -11.11 -43.38
CA VAL A 280 13.60 -10.30 -43.09
C VAL A 280 14.50 -10.90 -42.02
N VAL A 281 13.99 -11.80 -41.19
CA VAL A 281 14.80 -12.49 -40.18
C VAL A 281 15.29 -13.80 -40.77
N PRO A 282 16.60 -14.12 -40.68
CA PRO A 282 17.12 -15.37 -41.25
C PRO A 282 16.32 -16.58 -40.82
N TYR A 283 16.30 -16.86 -39.51
CA TYR A 283 15.50 -17.94 -38.95
C TYR A 283 14.88 -17.46 -37.66
N GLY A 284 13.56 -17.41 -37.64
CA GLY A 284 12.87 -16.86 -36.49
C GLY A 284 12.17 -17.91 -35.66
N THR A 285 11.77 -17.54 -34.47
CA THR A 285 11.03 -18.42 -33.57
C THR A 285 9.59 -17.96 -33.58
N PRO A 286 8.66 -18.65 -32.89
CA PRO A 286 7.29 -18.10 -32.81
C PRO A 286 7.21 -16.80 -32.01
N LEU A 287 8.34 -16.34 -31.43
CA LEU A 287 8.39 -15.08 -30.70
C LEU A 287 9.18 -14.01 -31.44
N SER A 288 9.38 -14.17 -32.73
CA SER A 288 10.14 -13.19 -33.48
C SER A 288 9.35 -11.90 -33.63
N VAL A 289 10.01 -10.78 -33.41
CA VAL A 289 9.51 -9.45 -33.69
C VAL A 289 10.28 -8.98 -34.90
N ASN A 290 9.65 -9.04 -36.08
CA ASN A 290 10.33 -8.65 -37.32
C ASN A 290 10.67 -7.17 -37.31
N PHE A 291 9.71 -6.34 -36.91
CA PHE A 291 9.86 -4.88 -36.94
C PHE A 291 9.31 -4.35 -35.63
N GLY A 292 10.21 -4.01 -34.71
CA GLY A 292 9.81 -3.55 -33.41
C GLY A 292 10.64 -2.38 -32.92
N PRO A 293 10.49 -2.03 -31.64
CA PRO A 293 11.25 -0.90 -31.10
C PRO A 293 12.75 -1.13 -31.22
N THR A 294 13.46 -0.03 -31.46
CA THR A 294 14.89 -0.03 -31.72
C THR A 294 15.45 1.17 -30.97
N VAL A 295 16.77 1.28 -30.90
CA VAL A 295 17.37 2.49 -30.31
C VAL A 295 17.40 3.54 -31.42
N ASP A 296 16.45 4.47 -31.38
CA ASP A 296 16.24 5.37 -32.49
C ASP A 296 16.96 6.71 -32.32
N GLY A 297 17.54 6.96 -31.14
CA GLY A 297 18.14 8.23 -30.82
C GLY A 297 17.16 9.30 -30.41
N ASP A 298 15.86 9.01 -30.45
CA ASP A 298 14.84 10.03 -30.28
C ASP A 298 13.91 9.62 -29.15
N PHE A 299 13.04 8.64 -29.40
CA PHE A 299 12.21 8.05 -28.33
C PHE A 299 13.06 7.31 -27.30
N LEU A 300 14.10 6.60 -27.76
CA LEU A 300 15.07 5.93 -26.90
C LEU A 300 16.48 6.46 -27.22
N THR A 301 17.15 7.04 -26.23
CA THR A 301 18.47 7.59 -26.47
C THR A 301 19.63 6.64 -26.13
N ASP A 302 19.34 5.40 -25.75
CA ASP A 302 20.36 4.44 -25.32
C ASP A 302 19.65 3.10 -25.19
N MET A 303 20.41 2.01 -25.21
CA MET A 303 19.80 0.70 -25.00
C MET A 303 19.06 0.71 -23.65
N PRO A 304 17.81 0.24 -23.60
CA PRO A 304 16.98 0.47 -22.41
C PRO A 304 17.55 -0.12 -21.13
N ASP A 305 18.31 -1.21 -21.22
CA ASP A 305 18.93 -1.78 -20.04
C ASP A 305 19.90 -0.80 -19.37
N ILE A 306 20.55 0.06 -20.15
CA ILE A 306 21.45 1.06 -19.58
C ILE A 306 20.66 2.12 -18.81
N LEU A 307 19.66 2.74 -19.45
CA LEU A 307 18.85 3.74 -18.78
C LEU A 307 18.28 3.22 -17.46
N LEU A 308 17.79 1.96 -17.46
CA LEU A 308 17.25 1.37 -16.24
C LEU A 308 18.32 1.27 -15.17
N GLU A 309 19.48 0.72 -15.53
CA GLU A 309 20.54 0.57 -14.55
C GLU A 309 20.97 1.92 -13.96
N LEU A 310 21.12 2.94 -14.80
CA LEU A 310 21.55 4.24 -14.33
C LEU A 310 20.46 5.05 -13.65
N GLY A 311 19.24 4.54 -13.54
CA GLY A 311 18.20 5.31 -12.89
C GLY A 311 17.59 6.44 -13.71
N GLN A 312 17.79 6.47 -15.02
CA GLN A 312 17.19 7.52 -15.84
C GLN A 312 15.85 7.00 -16.35
N PHE A 313 14.82 7.17 -15.54
CA PHE A 313 13.46 6.86 -15.92
C PHE A 313 12.56 7.62 -14.98
N LYS A 314 11.29 7.74 -15.39
CA LYS A 314 10.26 8.37 -14.58
C LYS A 314 10.16 7.71 -13.21
N LYS A 315 10.18 8.52 -12.16
CA LYS A 315 10.10 8.01 -10.78
C LYS A 315 8.64 8.03 -10.32
N THR A 316 7.96 6.91 -10.49
CA THR A 316 6.55 6.78 -10.11
C THR A 316 6.27 5.34 -9.64
N GLN A 317 5.01 5.07 -9.29
CA GLN A 317 4.63 3.74 -8.83
C GLN A 317 4.22 2.87 -10.01
N ILE A 318 4.56 1.58 -9.93
CA ILE A 318 4.28 0.63 -10.99
C ILE A 318 3.55 -0.58 -10.40
N LEU A 319 2.72 -1.19 -11.23
CA LEU A 319 2.10 -2.46 -10.92
C LEU A 319 2.44 -3.44 -12.03
N VAL A 320 3.03 -4.59 -11.66
CA VAL A 320 3.56 -5.55 -12.61
C VAL A 320 3.05 -6.96 -12.25
N GLY A 321 2.79 -7.79 -13.26
CA GLY A 321 2.64 -9.20 -12.94
C GLY A 321 2.64 -10.04 -14.19
N VAL A 322 2.41 -11.35 -14.00
CA VAL A 322 2.50 -12.36 -15.07
C VAL A 322 1.47 -13.47 -14.80
N ASN A 323 1.22 -14.29 -15.81
CA ASN A 323 0.31 -15.41 -15.69
C ASN A 323 1.07 -16.71 -15.45
N LYS A 324 0.35 -17.72 -14.94
CA LYS A 324 0.98 -19.00 -14.62
C LYS A 324 1.57 -19.70 -15.83
N ASP A 325 0.88 -19.66 -16.99
CA ASP A 325 1.32 -20.49 -18.11
C ASP A 325 1.61 -19.66 -19.37
N GLU A 326 2.49 -18.66 -19.23
CA GLU A 326 2.75 -17.74 -20.32
C GLU A 326 3.20 -18.44 -21.59
N GLY A 327 3.96 -19.54 -21.44
CA GLY A 327 4.62 -20.11 -22.61
C GLY A 327 3.77 -21.04 -23.46
N THR A 328 2.69 -21.63 -22.91
CA THR A 328 2.03 -22.73 -23.60
C THR A 328 1.49 -22.31 -24.96
N ALA A 329 1.02 -21.07 -25.09
CA ALA A 329 0.39 -20.61 -26.33
C ALA A 329 1.33 -20.72 -27.51
N PHE A 330 2.63 -20.58 -27.31
CA PHE A 330 3.58 -20.52 -28.40
C PHE A 330 4.04 -21.88 -28.87
N LEU A 331 3.76 -22.93 -28.09
CA LEU A 331 4.15 -24.28 -28.47
C LEU A 331 3.33 -24.80 -29.64
N VAL A 332 2.07 -24.37 -29.77
CA VAL A 332 1.20 -24.86 -30.84
C VAL A 332 1.34 -23.95 -32.06
N TYR A 333 2.43 -23.18 -32.13
CA TYR A 333 2.77 -22.35 -33.27
C TYR A 333 4.18 -22.66 -33.77
N GLY A 334 4.60 -23.91 -33.68
CA GLY A 334 5.90 -24.27 -34.18
C GLY A 334 6.65 -25.38 -33.46
N ALA A 335 6.09 -25.91 -32.34
CA ALA A 335 6.88 -26.99 -31.77
C ALA A 335 6.37 -28.35 -32.23
N PRO A 336 7.30 -29.27 -32.55
CA PRO A 336 6.90 -30.62 -32.98
C PRO A 336 6.17 -31.36 -31.88
N GLY A 337 5.05 -31.99 -32.26
CA GLY A 337 4.30 -32.83 -31.37
C GLY A 337 3.22 -32.11 -30.59
N PHE A 338 3.02 -30.82 -30.84
CA PHE A 338 2.06 -30.04 -30.09
C PHE A 338 0.86 -29.73 -30.98
N SER A 339 -0.34 -30.05 -30.49
CA SER A 339 -1.57 -29.62 -31.11
C SER A 339 -2.49 -29.06 -30.04
N LYS A 340 -3.36 -28.13 -30.44
CA LYS A 340 -4.41 -27.71 -29.53
C LYS A 340 -5.50 -28.76 -29.38
N ASP A 341 -5.54 -29.75 -30.28
CA ASP A 341 -6.63 -30.73 -30.34
C ASP A 341 -6.28 -32.07 -29.69
N ASN A 342 -5.02 -32.31 -29.33
CA ASN A 342 -4.67 -33.45 -28.50
C ASN A 342 -3.85 -32.97 -27.29
N ASN A 343 -3.61 -33.89 -26.35
CA ASN A 343 -3.02 -33.51 -25.08
C ASN A 343 -1.50 -33.37 -25.13
N SER A 344 -0.91 -33.42 -26.33
CA SER A 344 0.47 -32.98 -26.58
C SER A 344 1.51 -33.61 -25.65
N ILE A 345 1.30 -34.87 -25.25
CA ILE A 345 2.37 -35.61 -24.55
C ILE A 345 3.54 -35.79 -25.50
N ILE A 346 4.69 -35.22 -25.14
CA ILE A 346 5.88 -35.32 -25.97
C ILE A 346 6.96 -36.09 -25.22
N THR A 347 8.04 -36.38 -25.93
CA THR A 347 9.15 -37.20 -25.47
C THR A 347 10.37 -36.33 -25.17
N ARG A 348 11.41 -36.97 -24.64
CA ARG A 348 12.64 -36.24 -24.39
C ARG A 348 13.26 -35.69 -25.68
N LYS A 349 13.07 -36.37 -26.82
CA LYS A 349 13.71 -35.90 -28.05
C LYS A 349 12.84 -34.87 -28.76
N GLU A 350 11.51 -35.03 -28.71
CA GLU A 350 10.64 -33.92 -29.08
C GLU A 350 10.96 -32.67 -28.26
N PHE A 351 11.17 -32.82 -26.94
CA PHE A 351 11.59 -31.69 -26.12
C PHE A 351 12.89 -31.08 -26.63
N GLN A 352 13.83 -31.91 -27.10
CA GLN A 352 15.07 -31.36 -27.62
C GLN A 352 14.83 -30.63 -28.95
N GLU A 353 13.84 -31.07 -29.73
CA GLU A 353 13.51 -30.38 -30.97
C GLU A 353 12.76 -29.07 -30.70
N GLY A 354 11.89 -29.08 -29.68
CA GLY A 354 11.30 -27.84 -29.22
C GLY A 354 12.34 -26.77 -28.94
N LEU A 355 13.39 -27.12 -28.18
CA LEU A 355 14.40 -26.13 -27.84
C LEU A 355 15.12 -25.61 -29.08
N LYS A 356 15.30 -26.45 -30.10
CA LYS A 356 15.85 -25.96 -31.36
C LYS A 356 14.93 -24.94 -31.99
N ILE A 357 13.62 -25.14 -31.85
CA ILE A 357 12.64 -24.19 -32.38
C ILE A 357 12.75 -22.83 -31.68
N PHE A 358 12.93 -22.83 -30.36
CA PHE A 358 12.91 -21.59 -29.60
C PHE A 358 14.30 -21.02 -29.32
N PHE A 359 15.36 -21.82 -29.47
CA PHE A 359 16.71 -21.35 -29.22
C PHE A 359 17.61 -21.68 -30.42
N PRO A 360 17.29 -21.10 -31.58
CA PRO A 360 17.94 -21.53 -32.83
C PRO A 360 19.43 -21.27 -32.86
N GLY A 361 19.91 -20.21 -32.20
CA GLY A 361 21.32 -19.86 -32.23
C GLY A 361 22.13 -20.34 -31.04
N VAL A 362 21.56 -21.20 -30.15
CA VAL A 362 22.24 -21.62 -28.93
C VAL A 362 23.04 -22.90 -29.16
N SER A 363 24.23 -22.99 -28.57
CA SER A 363 25.11 -24.15 -28.71
C SER A 363 24.40 -25.45 -28.30
N GLU A 364 25.07 -26.58 -28.55
CA GLU A 364 24.52 -27.83 -28.09
C GLU A 364 24.69 -27.98 -26.59
N PHE A 365 25.72 -27.35 -26.02
CA PHE A 365 25.91 -27.40 -24.58
C PHE A 365 24.87 -26.53 -23.87
N GLY A 366 24.56 -25.38 -24.45
CA GLY A 366 23.56 -24.51 -23.86
C GLY A 366 22.18 -25.14 -23.85
N LYS A 367 21.80 -25.77 -24.96
CA LYS A 367 20.54 -26.49 -25.00
C LYS A 367 20.51 -27.67 -24.01
N GLU A 368 21.66 -28.26 -23.72
CA GLU A 368 21.68 -29.36 -22.76
C GLU A 368 21.50 -28.84 -21.34
N SER A 369 22.15 -27.71 -21.02
CA SER A 369 22.02 -27.11 -19.69
C SER A 369 20.60 -26.59 -19.40
N ILE A 370 19.89 -26.09 -20.43
CA ILE A 370 18.47 -25.75 -20.25
C ILE A 370 17.67 -27.00 -19.91
N LEU A 371 17.95 -28.08 -20.63
CA LEU A 371 17.25 -29.34 -20.41
C LEU A 371 17.56 -29.88 -19.03
N PHE A 372 18.82 -29.78 -18.59
CA PHE A 372 19.16 -30.34 -17.28
C PHE A 372 18.46 -29.55 -16.18
N HIS A 373 18.35 -28.24 -16.34
CA HIS A 373 17.77 -27.42 -15.27
C HIS A 373 16.28 -27.67 -15.11
N TYR A 374 15.63 -28.22 -16.13
CA TYR A 374 14.18 -28.33 -16.18
C TYR A 374 13.68 -29.78 -16.13
N THR A 375 14.55 -30.74 -15.79
CA THR A 375 14.18 -32.15 -15.78
C THR A 375 14.39 -32.83 -14.43
N ASP A 376 14.60 -32.07 -13.34
CA ASP A 376 14.69 -32.67 -12.01
C ASP A 376 13.28 -33.00 -11.49
N TRP A 377 12.68 -34.03 -12.07
CA TRP A 377 11.26 -34.29 -11.85
C TRP A 377 10.96 -34.62 -10.40
N VAL A 378 9.76 -34.25 -9.95
CA VAL A 378 9.26 -34.78 -8.69
C VAL A 378 8.79 -36.22 -8.86
N ASP A 379 8.15 -36.54 -9.99
CA ASP A 379 7.70 -37.88 -10.32
C ASP A 379 8.16 -38.21 -11.74
N ASP A 380 8.89 -39.31 -11.89
CA ASP A 380 9.51 -39.67 -13.18
C ASP A 380 8.50 -39.97 -14.27
N GLN A 381 7.25 -40.27 -13.93
CA GLN A 381 6.18 -40.41 -14.92
C GLN A 381 4.80 -40.48 -14.25
N ARG A 382 3.92 -39.47 -14.38
CA ARG A 382 4.04 -38.21 -15.14
C ARG A 382 4.54 -38.30 -16.57
N PRO A 383 3.69 -38.78 -17.48
CA PRO A 383 3.98 -38.61 -18.91
C PRO A 383 4.05 -37.13 -19.32
N GLU A 384 3.34 -36.26 -18.60
CA GLU A 384 3.26 -34.84 -18.88
C GLU A 384 4.54 -34.07 -18.58
N ASN A 385 5.62 -34.72 -18.15
CA ASN A 385 6.77 -33.97 -17.65
C ASN A 385 7.39 -33.10 -18.74
N TYR A 386 7.77 -33.70 -19.87
CA TYR A 386 8.47 -32.93 -20.89
C TYR A 386 7.56 -31.89 -21.53
N ARG A 387 6.26 -32.18 -21.64
CA ARG A 387 5.32 -31.20 -22.20
C ARG A 387 5.30 -29.92 -21.35
N GLU A 388 5.14 -30.07 -20.03
CA GLU A 388 5.09 -28.93 -19.14
C GLU A 388 6.45 -28.28 -18.98
N ALA A 389 7.53 -29.05 -19.01
CA ALA A 389 8.85 -28.45 -18.94
C ALA A 389 9.04 -27.42 -20.05
N LEU A 390 8.67 -27.78 -21.28
CA LEU A 390 8.93 -26.88 -22.41
C LEU A 390 8.09 -25.61 -22.32
N GLY A 391 6.83 -25.73 -21.91
CA GLY A 391 6.02 -24.54 -21.68
C GLY A 391 6.67 -23.60 -20.69
N ASP A 392 7.24 -24.15 -19.61
CA ASP A 392 7.87 -23.34 -18.57
C ASP A 392 9.17 -22.71 -19.06
N VAL A 393 9.93 -23.42 -19.88
CA VAL A 393 11.14 -22.82 -20.44
C VAL A 393 10.78 -21.58 -21.25
N VAL A 394 9.80 -21.72 -22.14
CA VAL A 394 9.38 -20.59 -22.96
C VAL A 394 8.84 -19.46 -22.08
N GLY A 395 7.99 -19.81 -21.11
CA GLY A 395 7.38 -18.79 -20.27
C GLY A 395 8.36 -18.11 -19.33
N ASP A 396 9.30 -18.87 -18.75
CA ASP A 396 10.24 -18.24 -17.83
C ASP A 396 11.18 -17.29 -18.55
N TYR A 397 11.80 -17.76 -19.62
CA TYR A 397 12.80 -16.98 -20.32
C TYR A 397 12.19 -15.74 -20.98
N ASN A 398 10.97 -15.86 -21.52
CA ASN A 398 10.38 -14.79 -22.31
C ASN A 398 9.51 -13.79 -21.53
N PHE A 399 8.86 -14.20 -20.43
CA PHE A 399 7.97 -13.26 -19.73
C PHE A 399 8.26 -13.12 -18.23
N ILE A 400 8.30 -14.23 -17.49
CA ILE A 400 8.31 -14.17 -16.04
C ILE A 400 9.64 -13.61 -15.51
N CYS A 401 10.74 -14.22 -15.88
CA CYS A 401 11.99 -13.79 -15.27
C CYS A 401 12.34 -12.35 -15.67
N PRO A 402 12.11 -11.92 -16.92
CA PRO A 402 12.29 -10.47 -17.22
C PRO A 402 11.35 -9.54 -16.45
N ALA A 403 10.06 -9.85 -16.34
CA ALA A 403 9.18 -9.01 -15.54
C ALA A 403 9.68 -8.91 -14.09
N LEU A 404 10.18 -10.02 -13.52
CA LEU A 404 10.69 -9.98 -12.15
C LEU A 404 11.97 -9.15 -12.06
N GLU A 405 12.85 -9.30 -13.03
CA GLU A 405 14.08 -8.52 -13.05
C GLU A 405 13.80 -7.03 -13.21
N PHE A 406 12.83 -6.67 -14.06
CA PHE A 406 12.50 -5.26 -14.25
C PHE A 406 12.00 -4.65 -12.94
N THR A 407 11.10 -5.37 -12.25
CA THR A 407 10.53 -4.90 -11.01
C THR A 407 11.59 -4.77 -9.92
N LYS A 408 12.50 -5.74 -9.81
CA LYS A 408 13.66 -5.62 -8.93
C LYS A 408 14.40 -4.31 -9.20
N LYS A 409 14.91 -4.15 -10.42
CA LYS A 409 15.76 -3.02 -10.73
C LYS A 409 15.02 -1.71 -10.54
N PHE A 410 13.77 -1.65 -10.98
CA PHE A 410 12.98 -0.44 -10.84
C PHE A 410 12.79 -0.06 -9.37
N SER A 411 12.32 -1.01 -8.57
CA SER A 411 12.05 -0.71 -7.17
C SER A 411 13.30 -0.26 -6.41
N GLU A 412 14.51 -0.62 -6.88
CA GLU A 412 15.74 -0.26 -6.22
C GLU A 412 16.02 1.24 -6.21
N TRP A 413 15.30 2.04 -7.00
CA TRP A 413 15.49 3.49 -6.99
C TRP A 413 14.43 4.22 -6.18
N GLY A 414 13.65 3.51 -5.37
CA GLY A 414 12.88 4.13 -4.31
C GLY A 414 11.39 4.30 -4.53
N ASN A 415 10.82 3.82 -5.64
CA ASN A 415 9.37 3.92 -5.79
C ASN A 415 8.69 2.61 -5.43
N ASN A 416 7.42 2.71 -5.04
CA ASN A 416 6.66 1.53 -4.66
C ASN A 416 6.27 0.72 -5.88
N ALA A 417 6.54 -0.57 -5.82
CA ALA A 417 6.24 -1.51 -6.88
C ALA A 417 5.41 -2.64 -6.31
N PHE A 418 4.45 -3.13 -7.09
CA PHE A 418 3.58 -4.23 -6.67
C PHE A 418 3.59 -5.32 -7.73
N PHE A 419 3.76 -6.58 -7.30
CA PHE A 419 3.86 -7.69 -8.24
C PHE A 419 2.76 -8.72 -8.01
N TYR A 420 2.24 -9.30 -9.11
CA TYR A 420 1.13 -10.23 -9.04
C TYR A 420 1.41 -11.48 -9.88
N TYR A 421 0.84 -12.60 -9.45
CA TYR A 421 0.91 -13.87 -10.15
C TYR A 421 -0.53 -14.31 -10.43
N PHE A 422 -0.95 -14.26 -11.69
CA PHE A 422 -2.33 -14.57 -12.04
C PHE A 422 -2.44 -16.06 -12.36
N GLU A 423 -3.28 -16.77 -11.61
CA GLU A 423 -3.32 -18.22 -11.63
C GLU A 423 -4.65 -18.84 -12.01
N HIS A 424 -5.67 -18.04 -12.33
CA HIS A 424 -6.98 -18.60 -12.64
C HIS A 424 -7.15 -18.85 -14.14
N ARG A 425 -7.51 -20.08 -14.49
CA ARG A 425 -7.93 -20.40 -15.85
C ARG A 425 -9.40 -20.02 -16.07
N SER A 426 -9.67 -19.31 -17.17
CA SER A 426 -11.04 -18.94 -17.49
C SER A 426 -11.89 -20.18 -17.76
N SER A 427 -13.10 -20.20 -17.18
CA SER A 427 -13.99 -21.34 -17.38
C SER A 427 -14.52 -21.42 -18.80
N LYS A 428 -14.49 -20.31 -19.55
CA LYS A 428 -14.91 -20.31 -20.95
C LYS A 428 -13.74 -20.39 -21.92
N LEU A 429 -12.54 -20.75 -21.47
CA LEU A 429 -11.35 -20.57 -22.31
C LEU A 429 -11.32 -21.61 -23.43
N PRO A 430 -11.36 -21.20 -24.71
CA PRO A 430 -11.51 -22.16 -25.81
C PRO A 430 -10.35 -23.10 -26.02
N TRP A 431 -9.18 -22.82 -25.47
CA TRP A 431 -8.02 -23.66 -25.68
C TRP A 431 -8.03 -24.86 -24.73
N PRO A 432 -7.27 -25.91 -25.03
CA PRO A 432 -7.33 -27.12 -24.21
C PRO A 432 -6.78 -26.87 -22.82
N GLU A 433 -7.09 -27.84 -21.93
CA GLU A 433 -6.71 -27.71 -20.53
C GLU A 433 -5.21 -27.77 -20.32
N TRP A 434 -4.47 -28.56 -21.11
CA TRP A 434 -3.04 -28.69 -20.88
C TRP A 434 -2.29 -27.37 -21.06
N MET A 435 -2.90 -26.37 -21.72
CA MET A 435 -2.26 -25.07 -21.91
C MET A 435 -2.45 -24.14 -20.72
N GLY A 436 -3.42 -24.39 -19.85
CA GLY A 436 -3.42 -23.77 -18.53
C GLY A 436 -3.83 -22.29 -18.56
N VAL A 437 -3.15 -21.51 -17.72
CA VAL A 437 -3.44 -20.08 -17.56
C VAL A 437 -2.56 -19.34 -18.56
N MET A 438 -3.10 -19.12 -19.75
CA MET A 438 -2.36 -18.73 -20.93
C MET A 438 -2.02 -17.24 -20.95
N HIS A 439 -1.01 -16.92 -21.75
CA HIS A 439 -0.70 -15.57 -22.20
C HIS A 439 -1.92 -14.87 -22.78
N GLY A 440 -2.28 -13.74 -22.19
CA GLY A 440 -3.37 -12.92 -22.66
C GLY A 440 -4.72 -13.13 -21.99
N TYR A 441 -4.86 -14.13 -21.11
CA TYR A 441 -6.17 -14.53 -20.62
C TYR A 441 -6.44 -14.08 -19.19
N GLU A 442 -5.79 -13.02 -18.76
CA GLU A 442 -6.19 -12.20 -17.62
C GLU A 442 -6.84 -10.89 -18.09
N ILE A 443 -6.69 -10.55 -19.37
CA ILE A 443 -7.21 -9.27 -19.86
C ILE A 443 -8.73 -9.19 -19.63
N GLU A 444 -9.46 -10.24 -20.01
CA GLU A 444 -10.92 -10.20 -19.89
C GLU A 444 -11.35 -10.01 -18.43
N PHE A 445 -10.53 -10.50 -17.48
CA PHE A 445 -10.78 -10.23 -16.06
C PHE A 445 -10.35 -8.83 -15.63
N VAL A 446 -9.36 -8.23 -16.30
CA VAL A 446 -8.96 -6.86 -15.93
C VAL A 446 -10.01 -5.84 -16.39
N PHE A 447 -10.68 -6.11 -17.51
CA PHE A 447 -11.69 -5.20 -18.06
C PHE A 447 -13.09 -5.46 -17.54
N GLY A 448 -13.30 -6.46 -16.70
CA GLY A 448 -14.58 -6.71 -16.06
C GLY A 448 -15.59 -7.53 -16.83
N LEU A 449 -15.17 -8.21 -17.90
CA LEU A 449 -16.11 -9.01 -18.68
C LEU A 449 -16.86 -10.05 -17.85
N PRO A 450 -16.27 -10.69 -16.83
CA PRO A 450 -17.08 -11.55 -15.95
C PRO A 450 -18.11 -10.81 -15.09
N LEU A 451 -18.08 -9.48 -15.02
CA LEU A 451 -19.14 -8.80 -14.30
C LEU A 451 -20.47 -8.91 -15.03
N GLU A 452 -20.45 -9.09 -16.34
CA GLU A 452 -21.66 -9.30 -17.12
C GLU A 452 -22.18 -10.72 -16.86
N ARG A 453 -23.37 -10.83 -16.25
CA ARG A 453 -23.93 -12.11 -15.84
C ARG A 453 -24.53 -12.88 -17.00
N ARG A 454 -25.12 -12.17 -17.97
CA ARG A 454 -25.67 -12.84 -19.13
C ARG A 454 -24.62 -13.61 -19.91
N ASP A 455 -23.37 -13.62 -19.46
CA ASP A 455 -22.26 -14.11 -20.25
C ASP A 455 -21.77 -15.50 -19.85
N ASN A 456 -22.34 -16.10 -18.79
CA ASN A 456 -22.11 -17.49 -18.41
C ASN A 456 -20.70 -17.74 -17.87
N TYR A 457 -20.18 -16.76 -17.12
CA TYR A 457 -19.03 -17.01 -16.26
C TYR A 457 -19.51 -17.52 -14.90
N THR A 458 -18.58 -18.09 -14.13
CA THR A 458 -18.91 -18.55 -12.79
C THR A 458 -19.03 -17.39 -11.80
N LYS A 459 -19.78 -17.63 -10.73
CA LYS A 459 -19.90 -16.60 -9.71
C LYS A 459 -18.54 -16.31 -9.07
N ALA A 460 -17.68 -17.34 -8.95
CA ALA A 460 -16.33 -17.10 -8.47
C ALA A 460 -15.57 -16.17 -9.40
N GLU A 461 -15.78 -16.34 -10.72
CA GLU A 461 -15.10 -15.49 -11.70
C GLU A 461 -15.61 -14.05 -11.64
N GLU A 462 -16.89 -13.85 -11.34
CA GLU A 462 -17.34 -12.49 -11.16
C GLU A 462 -16.68 -11.85 -9.95
N ILE A 463 -16.48 -12.61 -8.87
CA ILE A 463 -15.90 -12.06 -7.66
C ILE A 463 -14.43 -11.74 -7.87
N LEU A 464 -13.73 -12.59 -8.63
CA LEU A 464 -12.33 -12.34 -8.95
C LEU A 464 -12.18 -11.12 -9.85
N SER A 465 -13.00 -11.03 -10.91
CA SER A 465 -12.90 -9.90 -11.81
C SER A 465 -13.32 -8.61 -11.12
N ARG A 466 -14.30 -8.68 -10.23
CA ARG A 466 -14.67 -7.50 -9.46
CA ARG A 466 -14.67 -7.52 -9.44
C ARG A 466 -13.53 -7.06 -8.56
N SER A 467 -12.72 -7.99 -8.08
CA SER A 467 -11.60 -7.66 -7.22
C SER A 467 -10.48 -7.01 -8.03
N ILE A 468 -10.15 -7.59 -9.17
CA ILE A 468 -9.02 -7.10 -9.97
C ILE A 468 -9.33 -5.72 -10.55
N VAL A 469 -10.55 -5.53 -11.04
CA VAL A 469 -11.03 -4.21 -11.47
C VAL A 469 -10.83 -3.17 -10.36
N LYS A 470 -11.27 -3.50 -9.14
CA LYS A 470 -11.15 -2.58 -8.01
C LYS A 470 -9.68 -2.28 -7.71
N ARG A 471 -8.86 -3.33 -7.61
CA ARG A 471 -7.44 -3.14 -7.31
C ARG A 471 -6.73 -2.33 -8.41
N TRP A 472 -7.01 -2.60 -9.69
CA TRP A 472 -6.43 -1.79 -10.77
C TRP A 472 -6.86 -0.33 -10.68
N ALA A 473 -8.17 -0.09 -10.51
CA ALA A 473 -8.64 1.29 -10.51
C ALA A 473 -8.18 2.04 -9.27
N ASN A 474 -8.07 1.35 -8.12
CA ASN A 474 -7.53 1.99 -6.93
C ASN A 474 -6.06 2.33 -7.11
N PHE A 475 -5.29 1.43 -7.75
CA PHE A 475 -3.89 1.73 -8.02
C PHE A 475 -3.75 2.99 -8.87
N ALA A 476 -4.57 3.13 -9.92
CA ALA A 476 -4.53 4.34 -10.73
C ALA A 476 -4.86 5.58 -9.90
N LYS A 477 -5.93 5.52 -9.10
CA LYS A 477 -6.35 6.67 -8.29
C LYS A 477 -5.35 7.01 -7.18
N TYR A 478 -4.88 6.00 -6.43
CA TYR A 478 -4.11 6.28 -5.21
C TYR A 478 -2.67 5.78 -5.21
N GLY A 479 -2.22 5.08 -6.23
CA GLY A 479 -0.88 4.51 -6.17
C GLY A 479 -0.73 3.28 -5.32
N ASN A 480 -1.85 2.68 -4.93
CA ASN A 480 -1.86 1.52 -4.04
C ASN A 480 -2.99 0.61 -4.50
N PRO A 481 -2.72 -0.66 -4.87
CA PRO A 481 -3.75 -1.56 -5.39
C PRO A 481 -4.53 -2.25 -4.28
N ASN A 482 -5.05 -1.46 -3.34
CA ASN A 482 -5.87 -1.98 -2.27
C ASN A 482 -7.30 -2.24 -2.75
N GLU A 483 -8.01 -3.13 -2.04
CA GLU A 483 -9.42 -3.37 -2.32
C GLU A 483 -10.26 -2.63 -1.29
N THR A 484 -10.32 -3.15 -0.07
CA THR A 484 -10.90 -2.42 1.04
C THR A 484 -9.89 -2.41 2.19
N GLN A 485 -10.18 -1.62 3.23
CA GLN A 485 -9.26 -1.57 4.35
C GLN A 485 -9.37 -2.82 5.21
N ASN A 486 -10.58 -3.37 5.37
CA ASN A 486 -10.81 -4.59 6.12
C ASN A 486 -11.27 -5.72 5.21
N ASN A 487 -11.22 -6.93 5.74
CA ASN A 487 -11.63 -8.17 5.07
C ASN A 487 -10.96 -8.33 3.72
N SER A 488 -9.65 -8.05 3.68
CA SER A 488 -8.90 -8.06 2.43
C SER A 488 -7.42 -8.34 2.71
N THR A 489 -6.82 -9.16 1.85
CA THR A 489 -5.39 -9.43 1.92
C THR A 489 -4.61 -8.19 1.48
N SER A 490 -3.65 -7.77 2.29
CA SER A 490 -2.88 -6.60 1.92
C SER A 490 -1.89 -7.02 0.83
N TRP A 491 -1.83 -6.22 -0.24
CA TRP A 491 -0.85 -6.38 -1.28
C TRP A 491 0.39 -5.60 -0.88
N PRO A 492 1.46 -6.25 -0.44
CA PRO A 492 2.66 -5.51 -0.03
C PRO A 492 3.59 -5.19 -1.20
N VAL A 493 4.40 -4.14 -1.00
CA VAL A 493 5.34 -3.69 -2.01
C VAL A 493 6.41 -4.73 -2.23
N PHE A 494 6.81 -4.86 -3.49
CA PHE A 494 7.89 -5.75 -3.91
C PHE A 494 9.22 -5.04 -3.68
N LYS A 495 9.97 -5.49 -2.70
CA LYS A 495 11.32 -5.01 -2.48
C LYS A 495 12.31 -6.11 -2.85
N SER A 496 13.51 -5.70 -3.31
CA SER A 496 14.44 -6.66 -3.90
C SER A 496 15.02 -7.66 -2.91
N THR A 497 14.92 -7.39 -1.61
CA THR A 497 15.32 -8.39 -0.62
C THR A 497 14.25 -9.46 -0.45
N GLU A 498 13.06 -9.08 0.05
CA GLU A 498 12.04 -10.06 0.36
C GLU A 498 11.34 -10.55 -0.90
N GLN A 499 11.06 -9.65 -1.83
CA GLN A 499 10.44 -9.99 -3.13
C GLN A 499 9.06 -10.63 -2.96
N LYS A 500 8.18 -9.91 -2.26
CA LYS A 500 6.83 -10.41 -2.00
C LYS A 500 5.91 -10.09 -3.17
N TYR A 501 5.02 -11.03 -3.49
CA TYR A 501 4.02 -10.81 -4.53
C TYR A 501 2.68 -11.35 -4.05
N LEU A 502 1.60 -10.89 -4.69
CA LEU A 502 0.25 -11.38 -4.45
C LEU A 502 -0.17 -12.34 -5.56
N THR A 503 -0.79 -13.45 -5.16
CA THR A 503 -1.38 -14.39 -6.12
C THR A 503 -2.86 -14.06 -6.28
N LEU A 504 -3.35 -14.24 -7.52
CA LEU A 504 -4.72 -13.91 -7.90
C LEU A 504 -5.35 -15.15 -8.52
N ASN A 505 -6.41 -15.65 -7.86
CA ASN A 505 -7.21 -16.80 -8.30
C ASN A 505 -8.46 -16.83 -7.43
N THR A 506 -9.30 -17.83 -7.68
CA THR A 506 -10.59 -17.90 -6.98
C THR A 506 -10.50 -18.53 -5.58
N GLU A 507 -9.55 -19.44 -5.35
CA GLU A 507 -9.53 -20.14 -4.07
C GLU A 507 -8.94 -19.28 -2.94
N SER A 508 -7.71 -18.80 -3.11
CA SER A 508 -7.08 -18.02 -2.05
C SER A 508 -6.07 -17.04 -2.64
N THR A 509 -6.20 -15.76 -2.31
CA THR A 509 -5.15 -14.80 -2.60
C THR A 509 -4.16 -14.77 -1.43
N ARG A 510 -2.90 -15.09 -1.72
CA ARG A 510 -1.86 -15.24 -0.71
C ARG A 510 -0.67 -14.34 -1.02
N ILE A 511 -0.04 -13.84 0.02
CA ILE A 511 1.26 -13.20 -0.12
C ILE A 511 2.31 -14.30 -0.19
N MET A 512 3.16 -14.27 -1.21
CA MET A 512 4.25 -15.21 -1.30
C MET A 512 5.52 -14.44 -1.65
N THR A 513 6.62 -15.17 -1.80
CA THR A 513 7.93 -14.54 -2.00
C THR A 513 8.73 -15.32 -3.03
N LYS A 514 9.58 -14.58 -3.75
CA LYS A 514 10.63 -15.12 -4.61
C LYS A 514 10.11 -16.07 -5.68
N LEU A 515 9.06 -15.62 -6.38
CA LEU A 515 8.41 -16.36 -7.47
C LEU A 515 9.39 -17.00 -8.45
N ARG A 516 9.42 -18.33 -8.48
CA ARG A 516 10.23 -19.11 -9.44
C ARG A 516 11.69 -18.66 -9.44
N ALA A 517 12.28 -18.56 -8.24
CA ALA A 517 13.64 -18.09 -8.11
C ALA A 517 14.64 -19.11 -8.59
N GLN A 518 14.36 -20.39 -8.40
CA GLN A 518 15.29 -21.42 -8.81
C GLN A 518 15.33 -21.55 -10.34
N GLN A 519 14.19 -21.36 -11.02
CA GLN A 519 14.21 -21.23 -12.49
C GLN A 519 14.94 -19.97 -12.95
N CYS A 520 14.56 -18.82 -12.39
CA CYS A 520 15.06 -17.55 -12.92
C CYS A 520 16.56 -17.38 -12.70
N ARG A 521 17.09 -18.04 -11.66
CA ARG A 521 18.52 -17.98 -11.41
C ARG A 521 19.29 -18.50 -12.62
N PHE A 522 18.77 -19.53 -13.28
CA PHE A 522 19.36 -20.03 -14.51
C PHE A 522 19.43 -18.91 -15.57
N TRP A 523 18.29 -18.30 -15.90
CA TRP A 523 18.27 -17.33 -17.01
C TRP A 523 19.07 -16.07 -16.72
N THR A 524 19.09 -15.61 -15.46
CA THR A 524 19.83 -14.40 -15.14
C THR A 524 21.33 -14.70 -15.00
N SER A 525 21.71 -15.82 -14.40
CA SER A 525 23.08 -16.03 -13.96
C SER A 525 23.86 -17.12 -14.71
N PHE A 526 23.18 -17.99 -15.45
CA PHE A 526 23.91 -19.00 -16.22
C PHE A 526 23.75 -18.82 -17.73
N PHE A 527 22.52 -18.67 -18.21
CA PHE A 527 22.27 -18.62 -19.65
C PHE A 527 23.03 -17.51 -20.38
N PRO A 528 23.21 -16.30 -19.83
CA PRO A 528 24.01 -15.28 -20.55
C PRO A 528 25.46 -15.70 -20.77
N LYS A 529 26.02 -16.57 -19.92
CA LYS A 529 27.39 -17.04 -20.02
C LYS A 529 27.55 -18.19 -21.00
N VAL A 530 26.53 -18.49 -21.77
CA VAL A 530 26.56 -19.60 -22.70
C VAL A 530 26.54 -19.07 -24.13
N ILE B 5 -26.45 23.59 17.76
CA ILE B 5 -26.08 24.77 18.54
C ILE B 5 -24.66 25.20 18.13
N ILE B 6 -24.30 26.46 18.41
CA ILE B 6 -23.09 27.07 17.89
C ILE B 6 -22.28 27.66 19.05
N ILE B 7 -20.95 27.54 18.94
CA ILE B 7 -20.00 28.09 19.89
C ILE B 7 -18.95 28.90 19.13
N ALA B 8 -18.54 30.03 19.70
CA ALA B 8 -17.56 30.91 19.08
C ALA B 8 -16.20 30.64 19.69
N THR B 9 -15.30 30.06 18.90
CA THR B 9 -13.91 29.87 19.27
C THR B 9 -13.08 31.07 18.80
N LYS B 10 -11.91 31.25 19.41
CA LYS B 10 -11.08 32.42 19.14
C LYS B 10 -10.68 32.54 17.67
N ASN B 11 -10.94 31.52 16.85
CA ASN B 11 -10.59 31.55 15.44
C ASN B 11 -11.79 31.26 14.54
N GLY B 12 -13.01 31.47 15.03
CA GLY B 12 -14.18 31.23 14.21
C GLY B 12 -15.25 30.47 14.96
N LYS B 13 -16.42 30.29 14.35
CA LYS B 13 -17.54 29.59 14.97
C LYS B 13 -17.62 28.16 14.46
N VAL B 14 -17.95 27.24 15.37
CA VAL B 14 -18.19 25.84 15.03
C VAL B 14 -19.60 25.47 15.45
N ARG B 15 -20.21 24.55 14.70
CA ARG B 15 -21.52 24.01 15.01
C ARG B 15 -21.39 22.55 15.46
N GLY B 16 -22.17 22.17 16.49
CA GLY B 16 -22.12 20.87 17.09
C GLY B 16 -23.33 20.00 16.80
N MET B 17 -23.45 18.92 17.56
CA MET B 17 -24.50 17.91 17.42
C MET B 17 -25.02 17.53 18.79
N ASN B 18 -26.25 17.03 18.80
CA ASN B 18 -26.83 16.41 19.96
C ASN B 18 -26.72 14.90 19.86
N LEU B 19 -26.24 14.30 20.94
CA LEU B 19 -26.29 12.87 21.15
C LEU B 19 -27.29 12.60 22.26
N THR B 20 -28.11 11.59 22.07
CA THR B 20 -28.97 11.10 23.15
C THR B 20 -28.24 9.96 23.84
N VAL B 21 -27.92 10.13 25.11
CA VAL B 21 -27.07 9.21 25.87
C VAL B 21 -27.73 8.96 27.21
N PHE B 22 -28.18 7.72 27.43
CA PHE B 22 -28.76 7.27 28.70
C PHE B 22 -29.85 8.24 29.17
N GLY B 23 -30.88 8.37 28.35
CA GLY B 23 -32.01 9.21 28.67
C GLY B 23 -31.74 10.70 28.68
N GLY B 24 -30.47 11.12 28.61
CA GLY B 24 -30.11 12.51 28.55
C GLY B 24 -29.55 12.92 27.19
N THR B 25 -28.82 14.02 27.20
CA THR B 25 -28.24 14.59 25.99
C THR B 25 -26.79 14.89 26.25
N VAL B 26 -25.95 14.61 25.25
CA VAL B 26 -24.56 15.07 25.24
C VAL B 26 -24.37 15.87 23.96
N THR B 27 -23.74 17.04 24.09
CA THR B 27 -23.45 17.90 22.96
C THR B 27 -22.04 17.61 22.47
N ALA B 28 -21.90 17.24 21.20
CA ALA B 28 -20.60 16.82 20.66
C ALA B 28 -20.14 17.76 19.54
N PHE B 29 -18.84 18.10 19.58
CA PHE B 29 -18.16 18.76 18.47
C PHE B 29 -17.05 17.82 17.99
N LEU B 30 -17.23 17.25 16.81
CA LEU B 30 -16.33 16.26 16.25
C LEU B 30 -15.63 16.86 15.05
N GLY B 31 -14.30 16.92 15.10
CA GLY B 31 -13.53 17.32 13.94
C GLY B 31 -13.29 18.82 13.86
N ILE B 32 -12.98 19.43 15.00
CA ILE B 32 -12.56 20.84 15.04
C ILE B 32 -11.12 20.92 14.58
N PRO B 33 -10.78 21.78 13.61
CA PRO B 33 -9.36 21.96 13.26
C PRO B 33 -8.66 22.78 14.33
N TYR B 34 -7.42 22.38 14.65
CA TYR B 34 -6.63 23.10 15.64
C TYR B 34 -5.25 23.48 15.13
N ALA B 35 -4.93 23.20 13.86
CA ALA B 35 -3.66 23.61 13.29
C ALA B 35 -3.77 23.60 11.77
N GLN B 36 -2.82 24.28 11.12
CA GLN B 36 -2.78 24.25 9.68
C GLN B 36 -2.48 22.83 9.19
N PRO B 37 -3.06 22.41 8.08
CA PRO B 37 -2.75 21.10 7.53
C PRO B 37 -1.26 20.98 7.25
N PRO B 38 -0.55 19.94 7.85
CA PRO B 38 0.91 19.83 7.60
C PRO B 38 1.20 19.25 6.22
N LEU B 39 0.85 19.99 5.18
CA LEU B 39 0.98 19.54 3.81
C LEU B 39 2.04 20.34 3.07
N GLY B 40 2.57 19.73 2.00
CA GLY B 40 3.49 20.43 1.13
C GLY B 40 4.79 20.77 1.83
N ARG B 41 5.09 22.06 1.91
CA ARG B 41 6.28 22.54 2.63
C ARG B 41 6.16 22.37 4.14
N LEU B 42 4.98 22.03 4.67
CA LEU B 42 4.81 21.84 6.10
C LEU B 42 5.00 20.38 6.54
N ARG B 43 4.99 19.43 5.62
CA ARG B 43 5.34 18.06 6.00
C ARG B 43 6.68 18.03 6.75
N PHE B 44 6.68 17.33 7.89
CA PHE B 44 7.76 17.07 8.84
C PHE B 44 8.00 18.25 9.79
N LYS B 45 7.31 19.37 9.64
CA LYS B 45 7.58 20.51 10.52
C LYS B 45 6.64 20.51 11.72
N LYS B 46 6.94 21.38 12.69
CA LYS B 46 6.07 21.50 13.85
C LYS B 46 4.70 22.01 13.40
N PRO B 47 3.67 21.84 14.23
CA PRO B 47 2.35 22.33 13.82
C PRO B 47 2.31 23.84 13.79
N GLN B 48 1.71 24.38 12.73
CA GLN B 48 1.59 25.82 12.56
C GLN B 48 0.23 26.26 13.06
N SER B 49 0.22 27.30 13.91
CA SER B 49 -1.01 27.80 14.50
C SER B 49 -2.01 28.22 13.43
N LEU B 50 -3.29 28.05 13.75
CA LEU B 50 -4.36 28.32 12.81
C LEU B 50 -4.72 29.79 12.81
N THR B 51 -5.25 30.26 11.68
CA THR B 51 -5.76 31.63 11.53
C THR B 51 -7.28 31.59 11.33
N LYS B 52 -7.94 32.66 11.78
CA LYS B 52 -9.39 32.71 11.87
C LYS B 52 -10.07 32.41 10.53
N TRP B 53 -11.19 31.69 10.60
CA TRP B 53 -12.06 31.44 9.47
C TRP B 53 -13.34 32.21 9.65
N SER B 54 -13.88 32.75 8.55
CA SER B 54 -15.05 33.62 8.64
C SER B 54 -16.36 32.86 8.63
N ASP B 55 -16.39 31.68 8.01
CA ASP B 55 -17.60 30.89 7.91
C ASP B 55 -18.03 30.32 9.25
N ILE B 56 -18.75 29.21 9.19
CA ILE B 56 -18.98 28.37 10.35
C ILE B 56 -18.46 26.99 10.00
N TRP B 57 -17.45 26.54 10.73
CA TRP B 57 -16.98 25.17 10.61
C TRP B 57 -18.03 24.24 11.21
N ASN B 58 -18.28 23.12 10.55
CA ASN B 58 -19.26 22.15 11.03
C ASN B 58 -18.55 20.95 11.65
N ALA B 59 -18.34 21.01 12.96
CA ALA B 59 -17.76 19.90 13.71
C ALA B 59 -18.84 18.84 13.95
N THR B 60 -19.28 18.21 12.86
CA THR B 60 -20.38 17.26 12.93
C THR B 60 -20.02 15.87 12.43
N LYS B 61 -18.80 15.66 11.95
CA LYS B 61 -18.29 14.34 11.63
C LYS B 61 -16.84 14.22 12.08
N TYR B 62 -16.48 13.03 12.54
CA TYR B 62 -15.08 12.71 12.78
C TYR B 62 -14.23 13.01 11.56
N ALA B 63 -13.04 13.56 11.76
CA ALA B 63 -12.24 14.05 10.65
C ALA B 63 -11.33 12.96 10.10
N ASN B 64 -10.45 13.35 9.19
CA ASN B 64 -9.44 12.44 8.66
C ASN B 64 -8.50 11.97 9.77
N SER B 65 -8.21 10.68 9.76
CA SER B 65 -7.15 10.11 10.59
C SER B 65 -5.82 10.32 9.89
N CYS B 66 -4.75 10.50 10.67
CA CYS B 66 -3.40 10.71 10.12
C CYS B 66 -2.89 9.46 9.40
N CSO B 67 -2.14 9.68 8.31
CA CSO B 67 -1.50 8.60 7.55
CB CSO B 67 -0.44 9.18 6.60
SG CSO B 67 -1.15 10.27 5.34
C CSO B 67 -0.83 7.58 8.45
O CSO B 67 -0.08 7.94 9.33
OD CSO B 67 -2.47 9.38 4.55
N GLN B 68 -1.11 6.30 8.19
CA GLN B 68 -0.51 5.25 8.98
C GLN B 68 -0.64 3.91 8.30
N ASN B 69 0.32 3.00 8.56
CA ASN B 69 0.18 1.62 8.14
C ASN B 69 -0.97 0.96 8.91
N ILE B 70 -1.58 -0.05 8.31
CA ILE B 70 -2.77 -0.67 8.87
C ILE B 70 -2.46 -2.11 9.24
N ASP B 71 -2.90 -2.54 10.42
CA ASP B 71 -2.72 -3.93 10.82
C ASP B 71 -3.72 -4.76 10.05
N GLN B 72 -3.23 -5.64 9.19
CA GLN B 72 -4.10 -6.48 8.39
C GLN B 72 -3.72 -7.94 8.51
N SER B 73 -3.10 -8.29 9.65
CA SER B 73 -2.69 -9.67 9.95
C SER B 73 -3.88 -10.64 9.96
N PHE B 74 -5.08 -10.15 10.33
CA PHE B 74 -6.25 -11.00 10.51
C PHE B 74 -7.42 -10.34 9.79
N PRO B 75 -7.46 -10.41 8.45
CA PRO B 75 -8.60 -9.87 7.69
C PRO B 75 -9.91 -10.48 8.18
N GLY B 76 -10.86 -9.63 8.52
CA GLY B 76 -12.14 -10.05 9.03
C GLY B 76 -12.27 -10.01 10.55
N PHE B 77 -11.15 -10.05 11.27
CA PHE B 77 -11.17 -10.30 12.72
C PHE B 77 -11.38 -9.02 13.54
N HIS B 78 -12.38 -9.03 14.42
CA HIS B 78 -12.72 -7.82 15.18
C HIS B 78 -11.61 -7.39 16.13
N GLY B 79 -10.83 -8.34 16.65
CA GLY B 79 -9.84 -8.03 17.68
C GLY B 79 -8.69 -7.18 17.19
N SER B 80 -8.41 -7.23 15.89
CA SER B 80 -7.42 -6.37 15.29
C SER B 80 -8.04 -5.22 14.50
N GLU B 81 -9.18 -5.42 13.89
CA GLU B 81 -9.69 -4.34 13.07
C GLU B 81 -10.31 -3.23 13.89
N MET B 82 -10.62 -3.49 15.16
CA MET B 82 -11.15 -2.45 16.01
C MET B 82 -10.13 -1.39 16.36
N TRP B 83 -8.85 -1.61 16.04
CA TRP B 83 -7.81 -0.61 16.26
C TRP B 83 -7.45 0.12 14.99
N ASN B 84 -7.93 -0.35 13.86
CA ASN B 84 -7.62 0.27 12.58
C ASN B 84 -8.39 1.57 12.41
N PRO B 85 -7.86 2.51 11.63
CA PRO B 85 -8.57 3.78 11.44
C PRO B 85 -9.98 3.52 10.91
N ASN B 86 -10.92 4.36 11.34
CA ASN B 86 -12.28 4.27 10.87
C ASN B 86 -12.75 5.56 10.21
N THR B 87 -11.82 6.43 9.84
CA THR B 87 -12.09 7.48 8.87
C THR B 87 -10.98 7.48 7.82
N ASP B 88 -11.15 8.30 6.78
CA ASP B 88 -10.19 8.30 5.68
C ASP B 88 -8.83 8.78 6.15
N LEU B 89 -7.78 8.15 5.63
CA LEU B 89 -6.42 8.57 5.92
C LEU B 89 -6.04 9.79 5.07
N SER B 90 -5.29 10.72 5.65
CA SER B 90 -4.89 11.95 4.99
C SER B 90 -3.86 12.69 5.84
N GLU B 91 -2.89 13.34 5.19
CA GLU B 91 -1.98 14.23 5.94
C GLU B 91 -2.72 15.40 6.56
N ASP B 92 -3.86 15.78 5.99
CA ASP B 92 -4.78 16.76 6.58
C ASP B 92 -5.52 16.09 7.73
N CYS B 93 -4.96 16.15 8.94
CA CYS B 93 -5.54 15.36 10.03
C CYS B 93 -5.50 16.01 11.40
N LEU B 94 -5.00 17.24 11.55
CA LEU B 94 -4.89 17.86 12.87
C LEU B 94 -6.25 18.44 13.26
N TYR B 95 -7.11 17.55 13.75
CA TYR B 95 -8.44 17.88 14.27
C TYR B 95 -8.56 17.30 15.67
N LEU B 96 -9.47 17.86 16.46
CA LEU B 96 -9.79 17.31 17.77
C LEU B 96 -11.30 17.25 17.94
N ASN B 97 -11.74 16.53 18.98
CA ASN B 97 -13.14 16.37 19.30
C ASN B 97 -13.43 16.82 20.74
N VAL B 98 -14.66 17.27 20.97
CA VAL B 98 -15.11 17.81 22.26
C VAL B 98 -16.49 17.26 22.59
N TRP B 99 -16.65 16.73 23.80
CA TRP B 99 -17.94 16.22 24.27
C TRP B 99 -18.33 16.96 25.54
N ILE B 100 -19.56 17.47 25.56
CA ILE B 100 -20.00 18.42 26.60
C ILE B 100 -21.29 17.92 27.25
N PRO B 101 -21.35 17.92 28.58
CA PRO B 101 -22.60 17.53 29.25
C PRO B 101 -23.75 18.45 28.84
N ALA B 102 -24.97 17.90 28.90
CA ALA B 102 -26.17 18.71 28.74
C ALA B 102 -27.06 18.55 29.98
N PRO B 103 -27.49 19.69 30.55
CA PRO B 103 -27.22 21.04 30.04
C PRO B 103 -25.81 21.56 30.29
N LYS B 104 -25.46 22.61 29.55
CA LYS B 104 -24.13 23.18 29.53
C LYS B 104 -23.60 23.40 30.96
N PRO B 105 -22.43 22.88 31.29
CA PRO B 105 -21.81 23.21 32.57
C PRO B 105 -21.20 24.61 32.46
N LYS B 106 -20.65 25.10 33.57
CA LYS B 106 -19.98 26.39 33.55
C LYS B 106 -18.54 26.33 34.06
N ASN B 107 -18.12 25.25 34.68
CA ASN B 107 -16.72 25.12 35.04
C ASN B 107 -16.30 23.66 35.17
N ALA B 108 -16.61 22.87 34.15
CA ALA B 108 -16.35 21.44 34.24
C ALA B 108 -14.86 21.13 34.10
N THR B 109 -14.38 20.19 34.92
CA THR B 109 -13.07 19.59 34.71
C THR B 109 -13.02 18.96 33.31
N VAL B 110 -11.86 19.06 32.67
CA VAL B 110 -11.64 18.54 31.31
C VAL B 110 -10.76 17.29 31.39
N LEU B 111 -11.16 16.23 30.68
CA LEU B 111 -10.33 15.04 30.50
C LEU B 111 -9.86 14.99 29.05
N ILE B 112 -8.54 14.99 28.84
CA ILE B 112 -7.96 15.01 27.50
C ILE B 112 -7.29 13.68 27.21
N TRP B 113 -7.80 12.97 26.21
CA TRP B 113 -7.34 11.64 25.86
C TRP B 113 -6.28 11.70 24.75
N ILE B 114 -5.17 11.00 24.96
CA ILE B 114 -4.10 10.83 23.98
C ILE B 114 -3.99 9.35 23.69
N TYR B 115 -4.35 8.95 22.47
CA TYR B 115 -4.37 7.54 22.13
C TYR B 115 -2.96 6.99 21.89
N GLY B 116 -2.86 5.66 21.90
CA GLY B 116 -1.64 4.95 21.61
C GLY B 116 -1.67 4.28 20.25
N GLY B 117 -0.72 3.38 20.06
CA GLY B 117 -0.50 2.77 18.77
C GLY B 117 0.97 2.77 18.43
N GLY B 118 1.81 2.68 19.46
CA GLY B 118 3.25 2.56 19.34
C GLY B 118 3.91 3.69 18.60
N PHE B 119 3.26 4.86 18.56
CA PHE B 119 3.67 6.08 17.86
C PHE B 119 3.57 5.94 16.35
N GLN B 120 3.07 4.81 15.85
CA GLN B 120 3.02 4.54 14.43
C GLN B 120 1.61 4.50 13.89
N THR B 121 0.62 4.29 14.76
CA THR B 121 -0.78 4.11 14.39
C THR B 121 -1.67 4.85 15.40
N GLY B 122 -2.98 4.75 15.20
CA GLY B 122 -3.93 5.28 16.16
C GLY B 122 -4.77 6.41 15.61
N THR B 123 -5.92 6.65 16.23
CA THR B 123 -6.77 7.79 15.87
C THR B 123 -7.78 7.99 16.99
N SER B 124 -8.24 9.23 17.13
CA SER B 124 -9.11 9.57 18.25
C SER B 124 -10.57 9.16 18.02
N SER B 125 -10.92 8.71 16.82
CA SER B 125 -12.31 8.44 16.49
C SER B 125 -12.66 6.97 16.66
N LEU B 126 -11.78 6.17 17.27
CA LEU B 126 -12.14 4.77 17.52
C LEU B 126 -13.33 4.70 18.46
N HIS B 127 -14.20 3.70 18.23
CA HIS B 127 -15.36 3.47 19.08
C HIS B 127 -14.99 3.37 20.57
N VAL B 128 -13.86 2.74 20.90
CA VAL B 128 -13.53 2.58 22.32
C VAL B 128 -13.04 3.87 22.95
N TYR B 129 -12.87 4.94 22.19
CA TYR B 129 -12.49 6.24 22.74
C TYR B 129 -13.66 7.24 22.74
N ASP B 130 -14.90 6.76 22.62
CA ASP B 130 -16.06 7.65 22.52
C ASP B 130 -16.33 8.33 23.86
N GLY B 131 -16.22 9.65 23.88
CA GLY B 131 -16.30 10.42 25.10
C GLY B 131 -17.70 10.76 25.58
N LYS B 132 -18.75 10.33 24.87
CA LYS B 132 -20.09 10.73 25.26
C LYS B 132 -20.51 10.14 26.59
N PHE B 133 -20.08 8.91 26.92
CA PHE B 133 -20.51 8.35 28.19
C PHE B 133 -19.87 9.09 29.36
N LEU B 134 -18.58 9.43 29.26
CA LEU B 134 -17.92 10.11 30.36
C LEU B 134 -18.58 11.45 30.64
N ALA B 135 -18.99 12.17 29.58
CA ALA B 135 -19.65 13.46 29.74
C ALA B 135 -21.03 13.29 30.37
N ARG B 136 -21.79 12.29 29.91
CA ARG B 136 -23.14 12.04 30.41
C ARG B 136 -23.16 11.64 31.88
N VAL B 137 -22.31 10.70 32.28
CA VAL B 137 -22.43 10.08 33.60
C VAL B 137 -21.72 10.87 34.70
N GLU B 138 -20.75 11.71 34.35
CA GLU B 138 -19.90 12.38 35.34
C GLU B 138 -19.79 13.88 35.13
N ARG B 139 -20.37 14.41 34.06
CA ARG B 139 -20.42 15.86 33.83
C ARG B 139 -19.03 16.46 33.62
N VAL B 140 -18.12 15.70 33.03
CA VAL B 140 -16.81 16.18 32.64
C VAL B 140 -16.88 16.49 31.16
N ILE B 141 -16.05 17.43 30.72
CA ILE B 141 -15.81 17.65 29.31
C ILE B 141 -14.64 16.77 28.87
N VAL B 142 -14.84 15.99 27.81
CA VAL B 142 -13.84 15.08 27.26
C VAL B 142 -13.35 15.67 25.94
N VAL B 143 -12.03 15.70 25.76
CA VAL B 143 -11.42 16.10 24.48
C VAL B 143 -10.49 14.98 24.00
N SER B 144 -10.38 14.84 22.67
CA SER B 144 -9.35 13.97 22.10
C SER B 144 -8.86 14.56 20.79
N MET B 145 -7.61 14.26 20.44
CA MET B 145 -7.00 14.88 19.26
C MET B 145 -6.29 13.85 18.42
N ASN B 146 -6.26 14.10 17.11
CA ASN B 146 -5.38 13.39 16.19
C ASN B 146 -4.02 14.10 16.15
N TYR B 147 -2.95 13.31 16.23
CA TYR B 147 -1.56 13.77 16.12
C TYR B 147 -0.84 12.86 15.13
N ARG B 148 0.25 13.36 14.53
CA ARG B 148 0.94 12.60 13.49
C ARG B 148 1.73 11.42 14.06
N VAL B 149 1.79 10.35 13.29
CA VAL B 149 2.43 9.11 13.71
C VAL B 149 3.38 8.65 12.61
N GLY B 150 4.21 7.65 12.93
CA GLY B 150 5.24 7.17 12.03
C GLY B 150 6.24 8.27 11.72
N ALA B 151 6.94 8.09 10.58
CA ALA B 151 7.94 9.07 10.17
C ALA B 151 7.33 10.45 9.93
N LEU B 152 6.07 10.51 9.49
CA LEU B 152 5.44 11.80 9.28
C LEU B 152 5.32 12.59 10.57
N GLY B 153 5.36 11.94 11.72
CA GLY B 153 5.30 12.67 12.98
C GLY B 153 6.56 12.66 13.83
N PHE B 154 7.48 11.74 13.56
CA PHE B 154 8.63 11.59 14.45
C PHE B 154 9.96 11.46 13.74
N LEU B 155 10.00 11.67 12.41
CA LEU B 155 11.26 11.77 11.68
C LEU B 155 12.14 12.85 12.27
N ALA B 156 13.39 12.51 12.57
CA ALA B 156 14.25 13.44 13.30
C ALA B 156 15.57 13.65 12.57
N LEU B 157 15.89 14.92 12.32
CA LEU B 157 17.27 15.39 12.10
C LEU B 157 17.54 16.48 13.12
N PRO B 158 18.20 16.17 14.23
CA PRO B 158 18.20 17.07 15.39
C PRO B 158 18.81 18.44 15.09
N GLY B 159 18.05 19.49 15.40
CA GLY B 159 18.50 20.86 15.21
C GLY B 159 18.02 21.53 13.95
N ASN B 160 17.36 20.79 13.06
CA ASN B 160 16.89 21.34 11.81
C ASN B 160 15.39 21.59 11.93
N PRO B 161 14.93 22.84 11.79
CA PRO B 161 13.48 23.10 11.89
C PRO B 161 12.67 22.48 10.76
N GLU B 162 13.30 21.95 9.72
CA GLU B 162 12.52 21.34 8.66
C GLU B 162 12.05 19.92 8.99
N ALA B 163 12.71 19.24 9.94
CA ALA B 163 12.35 17.91 10.41
C ALA B 163 12.99 17.67 11.77
N PRO B 164 12.49 18.31 12.82
CA PRO B 164 13.23 18.35 14.09
C PRO B 164 13.02 17.15 14.99
N GLY B 165 12.04 16.28 14.72
CA GLY B 165 11.61 15.27 15.66
C GLY B 165 10.42 15.75 16.51
N ASN B 166 9.80 14.77 17.18
CA ASN B 166 8.74 15.01 18.17
C ASN B 166 7.58 15.85 17.61
N MET B 167 7.44 15.92 16.29
CA MET B 167 6.39 16.76 15.73
C MET B 167 5.02 16.29 16.21
N GLY B 168 4.84 14.98 16.37
CA GLY B 168 3.56 14.46 16.85
C GLY B 168 3.31 14.82 18.30
N LEU B 169 4.38 14.84 19.13
CA LEU B 169 4.29 15.40 20.47
C LEU B 169 3.85 16.87 20.46
N PHE B 170 4.44 17.71 19.59
CA PHE B 170 3.99 19.10 19.49
C PHE B 170 2.57 19.22 18.94
N ASP B 171 2.13 18.28 18.10
CA ASP B 171 0.72 18.23 17.74
C ASP B 171 -0.16 18.18 18.98
N GLN B 172 0.06 17.16 19.82
CA GLN B 172 -0.61 17.07 21.12
C GLN B 172 -0.48 18.36 21.91
N GLN B 173 0.70 18.98 21.92
CA GLN B 173 0.88 20.21 22.69
C GLN B 173 0.03 21.35 22.12
N LEU B 174 -0.05 21.47 20.80
CA LEU B 174 -0.88 22.52 20.23
C LEU B 174 -2.36 22.29 20.52
N ALA B 175 -2.79 21.02 20.59
CA ALA B 175 -4.18 20.73 20.96
C ALA B 175 -4.42 21.05 22.43
N LEU B 176 -3.42 20.85 23.29
CA LEU B 176 -3.58 21.28 24.67
C LEU B 176 -3.65 22.80 24.76
N GLN B 177 -2.94 23.50 23.86
CA GLN B 177 -2.99 24.95 23.81
C GLN B 177 -4.37 25.44 23.43
N TRP B 178 -4.97 24.83 22.41
CA TRP B 178 -6.34 25.15 22.01
C TRP B 178 -7.31 25.04 23.18
N VAL B 179 -7.16 24.01 24.01
CA VAL B 179 -8.05 23.82 25.16
C VAL B 179 -7.87 24.95 26.17
N GLN B 180 -6.64 25.43 26.35
CA GLN B 180 -6.43 26.55 27.25
C GLN B 180 -7.13 27.81 26.74
N LYS B 181 -7.09 28.03 25.43
CA LYS B 181 -7.61 29.25 24.84
C LYS B 181 -9.06 29.13 24.37
N ASN B 182 -9.72 27.96 24.50
CA ASN B 182 -11.07 27.82 23.98
C ASN B 182 -12.04 27.02 24.86
N ILE B 183 -11.58 26.28 25.87
CA ILE B 183 -12.51 25.39 26.53
C ILE B 183 -13.53 26.17 27.37
N ALA B 184 -13.22 27.39 27.80
CA ALA B 184 -14.17 28.17 28.59
C ALA B 184 -15.41 28.52 27.78
N ALA B 185 -15.23 28.89 26.52
CA ALA B 185 -16.35 29.10 25.61
C ALA B 185 -17.30 27.92 25.55
N PHE B 186 -16.82 26.72 25.90
CA PHE B 186 -17.64 25.51 25.88
C PHE B 186 -18.23 25.18 27.26
N GLY B 187 -17.85 25.90 28.29
CA GLY B 187 -18.26 25.57 29.64
C GLY B 187 -17.25 24.79 30.44
N GLY B 188 -15.98 24.73 29.98
CA GLY B 188 -14.94 24.00 30.68
C GLY B 188 -13.98 24.89 31.44
N ASN B 189 -13.22 24.26 32.34
CA ASN B 189 -12.29 24.97 33.22
C ASN B 189 -10.83 24.71 32.81
N PRO B 190 -10.15 25.66 32.16
CA PRO B 190 -8.76 25.40 31.74
C PRO B 190 -7.81 25.21 32.91
N LYS B 191 -8.23 25.54 34.13
CA LYS B 191 -7.41 25.31 35.31
C LYS B 191 -7.65 23.95 35.93
N SER B 192 -8.54 23.13 35.38
CA SER B 192 -8.80 21.78 35.88
C SER B 192 -8.82 20.84 34.67
N VAL B 193 -7.62 20.43 34.24
CA VAL B 193 -7.44 19.62 33.05
C VAL B 193 -6.54 18.46 33.42
N THR B 194 -6.96 17.24 33.07
CA THR B 194 -6.21 16.02 33.34
C THR B 194 -5.96 15.27 32.03
N LEU B 195 -4.68 14.96 31.76
CA LEU B 195 -4.33 14.14 30.61
C LEU B 195 -4.49 12.66 30.94
N PHE B 196 -5.09 11.91 30.02
CA PHE B 196 -5.03 10.47 30.15
C PHE B 196 -4.82 9.83 28.79
N GLY B 197 -4.18 8.66 28.82
CA GLY B 197 -3.77 7.98 27.61
C GLY B 197 -3.28 6.59 27.96
N GLU B 198 -3.11 5.78 26.92
CA GLU B 198 -2.79 4.38 27.06
C GLU B 198 -1.62 4.00 26.15
N SER B 199 -0.71 3.20 26.71
CA SER B 199 0.41 2.66 25.95
C SER B 199 1.28 3.80 25.44
N ALA B 200 1.32 4.07 24.13
CA ALA B 200 2.14 5.20 23.68
C ALA B 200 1.48 6.51 24.07
N GLY B 201 0.15 6.51 24.17
CA GLY B 201 -0.55 7.66 24.72
C GLY B 201 -0.18 7.93 26.16
N ALA B 202 -0.05 6.88 26.97
CA ALA B 202 0.44 7.03 28.34
C ALA B 202 1.88 7.54 28.34
N ALA B 203 2.75 6.94 27.53
CA ALA B 203 4.11 7.46 27.42
C ALA B 203 4.11 8.91 26.98
N SER B 204 3.20 9.25 26.07
CA SER B 204 3.07 10.65 25.66
C SER B 204 2.78 11.51 26.88
N VAL B 205 1.80 11.11 27.70
CA VAL B 205 1.38 11.87 28.87
C VAL B 205 2.57 12.11 29.79
N SER B 206 3.35 11.06 30.09
CA SER B 206 4.48 11.22 31.00
C SER B 206 5.54 12.15 30.42
N LEU B 207 5.67 12.23 29.08
CA LEU B 207 6.61 13.18 28.51
C LEU B 207 6.10 14.59 28.63
N HIS B 208 4.77 14.79 28.63
CA HIS B 208 4.22 16.12 28.88
C HIS B 208 4.51 16.57 30.31
N LEU B 209 4.60 15.63 31.26
CA LEU B 209 5.10 15.95 32.60
C LEU B 209 6.52 16.52 32.58
N LEU B 210 7.37 16.08 31.64
CA LEU B 210 8.77 16.51 31.65
C LEU B 210 9.03 17.75 30.83
N SER B 211 8.16 18.08 29.90
CA SER B 211 8.47 19.10 28.90
C SER B 211 8.00 20.46 29.40
N PRO B 212 8.88 21.36 29.81
CA PRO B 212 8.41 22.63 30.42
C PRO B 212 7.38 23.38 29.57
N GLY B 213 7.43 23.28 28.24
CA GLY B 213 6.45 23.97 27.43
C GLY B 213 5.04 23.46 27.58
N SER B 214 4.88 22.26 28.13
CA SER B 214 3.56 21.73 28.46
C SER B 214 3.17 21.97 29.91
N HIS B 215 4.12 22.41 30.76
CA HIS B 215 3.89 22.52 32.20
C HIS B 215 2.57 23.22 32.54
N SER B 216 2.28 24.34 31.88
CA SER B 216 1.11 25.13 32.23
C SER B 216 -0.17 24.70 31.51
N LEU B 217 -0.13 23.67 30.67
CA LEU B 217 -1.28 23.34 29.83
C LEU B 217 -2.21 22.29 30.43
N PHE B 218 -1.94 21.78 31.64
CA PHE B 218 -2.79 20.75 32.25
C PHE B 218 -2.53 20.71 33.76
N THR B 219 -3.37 19.96 34.47
CA THR B 219 -3.24 19.88 35.93
C THR B 219 -2.64 18.56 36.39
N ARG B 220 -3.23 17.44 36.00
CA ARG B 220 -2.90 16.10 36.47
C ARG B 220 -2.79 15.14 35.29
N ALA B 221 -2.28 13.93 35.59
CA ALA B 221 -1.94 12.97 34.56
C ALA B 221 -2.38 11.56 34.97
N ILE B 222 -2.92 10.82 34.00
CA ILE B 222 -3.26 9.41 34.16
C ILE B 222 -2.53 8.60 33.09
N LEU B 223 -1.85 7.53 33.51
CA LEU B 223 -0.93 6.75 32.66
C LEU B 223 -1.36 5.28 32.62
N GLN B 224 -2.09 4.88 31.58
CA GLN B 224 -2.55 3.51 31.41
C GLN B 224 -1.55 2.70 30.57
N SER B 225 -0.92 1.69 31.19
CA SER B 225 -0.07 0.72 30.48
C SER B 225 0.99 1.39 29.61
N GLY B 226 1.76 2.30 30.21
CA GLY B 226 2.89 2.87 29.50
C GLY B 226 3.55 4.03 30.21
N SER B 227 4.84 4.23 29.97
CA SER B 227 5.57 5.37 30.53
C SER B 227 6.85 5.52 29.73
N PHE B 228 7.45 6.73 29.81
CA PHE B 228 8.55 7.07 28.91
C PHE B 228 9.79 6.23 29.14
N ASN B 229 9.94 5.64 30.32
CA ASN B 229 11.10 4.80 30.58
C ASN B 229 10.90 3.37 30.11
N ALA B 230 9.77 3.08 29.45
CA ALA B 230 9.61 1.78 28.84
C ALA B 230 10.66 1.64 27.73
N PRO B 231 11.18 0.45 27.50
CA PRO B 231 12.31 0.32 26.55
C PRO B 231 11.96 0.70 25.13
N TRP B 232 10.72 0.51 24.71
CA TRP B 232 10.24 0.88 23.39
C TRP B 232 9.89 2.36 23.26
N ALA B 233 10.05 3.16 24.31
CA ALA B 233 9.41 4.48 24.28
C ALA B 233 10.28 5.58 23.70
N VAL B 234 11.61 5.50 23.79
CA VAL B 234 12.43 6.64 23.35
C VAL B 234 13.55 6.15 22.43
N THR B 235 13.73 6.86 21.31
CA THR B 235 14.79 6.58 20.36
C THR B 235 15.99 7.45 20.71
N SER B 236 17.18 6.86 20.66
CA SER B 236 18.37 7.67 20.83
C SER B 236 18.63 8.48 19.57
N LEU B 237 19.33 9.61 19.74
CA LEU B 237 19.71 10.42 18.57
C LEU B 237 20.60 9.63 17.63
N TYR B 238 21.39 8.70 18.16
CA TYR B 238 22.12 7.76 17.32
C TYR B 238 21.16 6.93 16.47
N GLU B 239 20.26 6.18 17.13
CA GLU B 239 19.28 5.38 16.40
C GLU B 239 18.46 6.23 15.43
N ALA B 240 18.00 7.41 15.85
CA ALA B 240 17.16 8.21 14.97
C ALA B 240 17.92 8.65 13.73
N ARG B 241 19.24 8.87 13.85
CA ARG B 241 20.05 9.28 12.72
C ARG B 241 20.25 8.14 11.74
N ASN B 242 20.48 6.93 12.26
CA ASN B 242 20.62 5.76 11.40
C ASN B 242 19.31 5.47 10.68
N ARG B 243 18.18 5.69 11.34
CA ARG B 243 16.89 5.38 10.72
C ARG B 243 16.46 6.43 9.71
N THR B 244 16.76 7.71 9.96
CA THR B 244 16.41 8.72 8.96
C THR B 244 17.19 8.51 7.67
N LEU B 245 18.48 8.20 7.78
CA LEU B 245 19.28 7.93 6.59
C LEU B 245 18.80 6.68 5.87
N ASN B 246 18.39 5.64 6.61
CA ASN B 246 17.90 4.42 5.99
C ASN B 246 16.62 4.67 5.21
N LEU B 247 15.72 5.49 5.76
CA LEU B 247 14.50 5.85 5.06
C LEU B 247 14.80 6.63 3.78
N ALA B 248 15.87 7.45 3.82
CA ALA B 248 16.31 8.18 2.64
C ALA B 248 16.76 7.22 1.56
N LYS B 249 17.64 6.26 1.90
CA LYS B 249 18.07 5.28 0.91
C LYS B 249 16.87 4.50 0.35
N LEU B 250 15.99 4.00 1.24
CA LEU B 250 14.86 3.18 0.77
C LEU B 250 13.90 3.96 -0.13
N THR B 251 13.82 5.29 -0.02
CA THR B 251 12.92 6.06 -0.87
C THR B 251 13.60 6.67 -2.09
N GLY B 252 14.90 6.44 -2.26
CA GLY B 252 15.62 7.14 -3.30
C GLY B 252 15.97 8.57 -2.97
N CYS B 253 16.14 8.90 -1.69
CA CYS B 253 16.29 10.28 -1.25
C CYS B 253 17.65 10.55 -0.59
N SER B 254 18.63 9.66 -0.72
CA SER B 254 19.96 9.94 -0.19
C SER B 254 20.54 11.16 -0.88
N ARG B 255 20.92 12.16 -0.10
CA ARG B 255 21.62 13.33 -0.58
C ARG B 255 22.83 13.55 0.31
N GLU B 256 23.68 14.48 -0.10
CA GLU B 256 24.85 14.83 0.70
C GLU B 256 24.50 15.85 1.79
N ASN B 257 23.28 16.38 1.76
CA ASN B 257 22.85 17.48 2.60
C ASN B 257 21.61 17.04 3.36
N GLU B 258 21.49 17.47 4.61
CA GLU B 258 20.27 17.17 5.37
C GLU B 258 19.05 17.81 4.72
N THR B 259 19.16 19.08 4.35
CA THR B 259 17.98 19.77 3.85
C THR B 259 17.57 19.27 2.48
N GLU B 260 18.52 18.73 1.72
CA GLU B 260 18.15 18.11 0.45
C GLU B 260 17.46 16.76 0.68
N ILE B 261 17.88 16.04 1.73
CA ILE B 261 17.15 14.81 2.07
C ILE B 261 15.69 15.13 2.33
N ILE B 262 15.43 16.16 3.14
CA ILE B 262 14.06 16.49 3.46
C ILE B 262 13.31 17.05 2.26
N LYS B 263 13.96 17.81 1.38
CA LYS B 263 13.22 18.34 0.22
C LYS B 263 12.83 17.22 -0.72
N CYS B 264 13.65 16.19 -0.80
CA CYS B 264 13.30 14.98 -1.53
C CYS B 264 12.17 14.21 -0.84
N LEU B 265 12.25 14.02 0.48
CA LEU B 265 11.21 13.30 1.22
C LEU B 265 9.87 14.03 1.17
N ARG B 266 9.87 15.36 1.10
CA ARG B 266 8.61 16.10 0.95
C ARG B 266 7.96 15.88 -0.42
N ASN B 267 8.67 15.30 -1.38
CA ASN B 267 8.09 15.03 -2.69
C ASN B 267 7.56 13.62 -2.84
N LYS B 268 7.82 12.74 -1.87
CA LYS B 268 7.38 11.36 -1.96
C LYS B 268 5.88 11.25 -1.71
N ASP B 269 5.24 10.30 -2.39
CA ASP B 269 3.89 9.94 -2.03
C ASP B 269 3.87 9.43 -0.59
N PRO B 270 2.89 9.85 0.22
CA PRO B 270 2.78 9.32 1.58
C PRO B 270 2.89 7.80 1.67
N GLN B 271 2.38 7.06 0.68
CA GLN B 271 2.48 5.61 0.80
C GLN B 271 3.93 5.16 0.63
N GLU B 272 4.75 5.90 -0.12
CA GLU B 272 6.15 5.54 -0.29
C GLU B 272 6.96 5.84 0.95
N ILE B 273 6.44 6.67 1.83
CA ILE B 273 7.04 6.80 3.14
C ILE B 273 6.52 5.72 4.07
N LEU B 274 5.20 5.54 4.12
CA LEU B 274 4.61 4.57 5.03
C LEU B 274 5.15 3.17 4.78
N LEU B 275 5.21 2.77 3.51
CA LEU B 275 5.56 1.40 3.19
C LEU B 275 7.05 1.10 3.30
N ASN B 276 7.89 2.07 3.64
CA ASN B 276 9.31 1.80 3.88
C ASN B 276 9.68 1.88 5.34
N GLU B 277 8.82 2.46 6.18
CA GLU B 277 9.07 2.57 7.61
C GLU B 277 9.52 1.25 8.24
N ALA B 278 9.00 0.10 7.76
CA ALA B 278 9.30 -1.20 8.36
C ALA B 278 10.77 -1.62 8.21
N PHE B 279 11.44 -1.18 7.14
CA PHE B 279 12.81 -1.65 6.86
C PHE B 279 13.91 -0.74 7.44
N VAL B 280 13.58 0.33 8.17
CA VAL B 280 14.66 1.19 8.61
C VAL B 280 15.45 0.58 9.77
N VAL B 281 14.88 -0.40 10.46
CA VAL B 281 15.58 -1.13 11.53
C VAL B 281 15.96 -2.50 11.00
N PRO B 282 17.23 -2.93 11.15
CA PRO B 282 17.57 -4.31 10.76
C PRO B 282 16.96 -5.37 11.66
N TYR B 283 16.99 -5.20 12.98
CA TYR B 283 16.60 -6.25 13.94
C TYR B 283 15.32 -5.85 14.67
N GLY B 284 14.22 -5.80 13.94
CA GLY B 284 12.97 -5.40 14.56
C GLY B 284 12.36 -6.49 15.43
N THR B 285 11.44 -6.06 16.30
CA THR B 285 10.65 -7.02 17.08
C THR B 285 9.20 -6.57 17.02
N PRO B 286 8.24 -7.34 17.51
CA PRO B 286 6.86 -6.85 17.50
C PRO B 286 6.66 -5.60 18.34
N LEU B 287 7.66 -5.18 19.13
CA LEU B 287 7.54 -3.94 19.88
C LEU B 287 8.37 -2.82 19.30
N SER B 288 8.89 -2.99 18.08
CA SER B 288 9.73 -1.97 17.47
C SER B 288 8.94 -0.68 17.26
N VAL B 289 9.57 0.43 17.60
CA VAL B 289 9.05 1.77 17.36
C VAL B 289 10.02 2.40 16.38
N ASN B 290 9.67 2.34 15.09
CA ASN B 290 10.56 2.79 14.03
C ASN B 290 10.92 4.25 14.19
N PHE B 291 9.91 5.09 14.39
CA PHE B 291 10.07 6.53 14.59
C PHE B 291 9.28 6.92 15.83
N GLY B 292 9.97 7.18 16.93
CA GLY B 292 9.34 7.67 18.13
C GLY B 292 9.92 8.95 18.68
N PRO B 293 9.58 9.28 19.93
CA PRO B 293 10.18 10.45 20.56
C PRO B 293 11.69 10.35 20.64
N THR B 294 12.36 11.48 20.49
CA THR B 294 13.80 11.57 20.63
C THR B 294 14.11 12.74 21.53
N VAL B 295 15.39 12.85 21.89
CA VAL B 295 15.83 14.02 22.63
C VAL B 295 16.10 15.11 21.58
N ASP B 296 15.13 15.97 21.36
CA ASP B 296 15.23 16.89 20.24
C ASP B 296 15.89 18.21 20.60
N GLY B 297 16.08 18.48 21.90
CA GLY B 297 16.55 19.78 22.34
C GLY B 297 15.51 20.85 22.33
N ASP B 298 14.22 20.48 22.33
CA ASP B 298 13.13 21.45 22.27
C ASP B 298 11.98 20.95 23.12
N PHE B 299 11.28 19.89 22.69
CA PHE B 299 10.28 19.27 23.56
C PHE B 299 10.95 18.64 24.77
N LEU B 300 12.00 17.86 24.53
CA LEU B 300 12.82 17.26 25.56
C LEU B 300 14.16 18.00 25.58
N THR B 301 14.38 18.77 26.65
CA THR B 301 15.65 19.46 26.78
C THR B 301 16.80 18.50 27.04
N ASP B 302 16.49 17.31 27.53
CA ASP B 302 17.51 16.35 27.91
C ASP B 302 16.93 14.94 27.86
N MET B 303 17.74 13.95 28.25
CA MET B 303 17.31 12.56 28.26
C MET B 303 16.28 12.36 29.37
N PRO B 304 15.14 11.71 29.09
CA PRO B 304 14.05 11.69 30.09
C PRO B 304 14.44 11.15 31.45
N ASP B 305 15.23 10.06 31.49
CA ASP B 305 15.60 9.47 32.77
C ASP B 305 16.43 10.42 33.62
N ILE B 306 17.24 11.27 33.01
CA ILE B 306 17.99 12.28 33.76
C ILE B 306 17.04 13.30 34.38
N LEU B 307 16.15 13.87 33.56
CA LEU B 307 15.15 14.80 34.06
C LEU B 307 14.34 14.19 35.19
N LEU B 308 14.10 12.88 35.14
CA LEU B 308 13.31 12.24 36.19
C LEU B 308 14.09 12.18 37.49
N GLU B 309 15.34 11.71 37.43
CA GLU B 309 16.10 11.54 38.68
C GLU B 309 16.42 12.88 39.34
N LEU B 310 16.70 13.93 38.55
CA LEU B 310 16.99 15.25 39.10
C LEU B 310 15.75 16.03 39.56
N GLY B 311 14.54 15.55 39.26
CA GLY B 311 13.36 16.28 39.68
C GLY B 311 12.91 17.40 38.76
N GLN B 312 13.36 17.40 37.51
CA GLN B 312 13.09 18.50 36.59
C GLN B 312 11.78 18.21 35.86
N PHE B 313 10.67 18.37 36.57
CA PHE B 313 9.38 18.06 35.96
C PHE B 313 8.25 18.68 36.75
N LYS B 314 7.10 18.70 36.10
CA LYS B 314 5.90 19.20 36.72
C LYS B 314 5.51 18.34 37.92
N LYS B 315 5.37 18.98 39.07
CA LYS B 315 5.01 18.31 40.33
C LYS B 315 3.50 18.36 40.48
N THR B 316 2.85 17.20 40.51
CA THR B 316 1.40 17.11 40.58
C THR B 316 1.04 15.66 40.90
N GLN B 317 -0.27 15.37 41.00
CA GLN B 317 -0.74 14.02 41.30
C GLN B 317 -0.87 13.22 40.02
N ILE B 318 -0.46 11.95 40.07
CA ILE B 318 -0.54 11.07 38.90
C ILE B 318 -1.20 9.76 39.28
N LEU B 319 -1.91 9.18 38.32
CA LEU B 319 -2.59 7.89 38.43
C LEU B 319 -2.01 6.95 37.38
N VAL B 320 -1.47 5.81 37.81
CA VAL B 320 -0.69 4.91 36.96
C VAL B 320 -1.15 3.48 37.18
N GLY B 321 -1.22 2.68 36.12
CA GLY B 321 -1.50 1.26 36.29
C GLY B 321 -1.19 0.42 35.07
N VAL B 322 -1.34 -0.89 35.24
CA VAL B 322 -1.07 -1.86 34.18
C VAL B 322 -2.14 -2.96 34.23
N ASN B 323 -2.22 -3.75 33.16
CA ASN B 323 -3.12 -4.89 33.05
C ASN B 323 -2.37 -6.19 33.38
N LYS B 324 -3.12 -7.26 33.64
CA LYS B 324 -2.51 -8.50 34.15
C LYS B 324 -1.67 -9.20 33.09
N ASP B 325 -2.03 -9.08 31.81
CA ASP B 325 -1.38 -9.86 30.75
C ASP B 325 -0.99 -8.93 29.58
N GLU B 326 -0.17 -7.93 29.91
CA GLU B 326 0.27 -6.94 28.92
C GLU B 326 0.95 -7.59 27.72
N GLY B 327 1.67 -8.69 27.95
CA GLY B 327 2.57 -9.23 26.95
C GLY B 327 1.93 -10.09 25.89
N THR B 328 0.75 -10.68 26.15
CA THR B 328 0.28 -11.75 25.28
C THR B 328 -0.01 -11.26 23.86
N ALA B 329 -0.54 -10.05 23.72
CA ALA B 329 -0.91 -9.56 22.39
C ALA B 329 0.26 -9.66 21.41
N PHE B 330 1.46 -9.35 21.88
CA PHE B 330 2.62 -9.30 20.98
C PHE B 330 3.10 -10.69 20.59
N LEU B 331 2.75 -11.71 21.37
CA LEU B 331 3.20 -13.08 21.08
C LEU B 331 2.66 -13.63 19.78
N VAL B 332 1.51 -13.14 19.28
CA VAL B 332 0.95 -13.61 18.02
C VAL B 332 1.33 -12.72 16.84
N TYR B 333 2.28 -11.80 17.03
CA TYR B 333 2.80 -10.96 15.96
C TYR B 333 4.28 -11.25 15.75
N GLY B 334 4.68 -12.51 15.88
CA GLY B 334 6.06 -12.83 15.64
C GLY B 334 6.59 -14.10 16.28
N ALA B 335 6.11 -14.42 17.49
CA ALA B 335 6.74 -15.53 18.17
C ALA B 335 6.28 -16.87 17.59
N PRO B 336 7.16 -17.88 17.60
CA PRO B 336 6.83 -19.17 16.97
C PRO B 336 6.03 -20.07 17.88
N GLY B 337 5.04 -20.76 17.29
CA GLY B 337 4.14 -21.62 18.04
C GLY B 337 2.88 -20.94 18.55
N PHE B 338 2.76 -19.62 18.41
CA PHE B 338 1.66 -18.88 18.99
C PHE B 338 0.63 -18.55 17.91
N SER B 339 -0.64 -18.71 18.26
CA SER B 339 -1.71 -18.40 17.34
C SER B 339 -2.93 -17.98 18.14
N LYS B 340 -3.73 -17.09 17.55
CA LYS B 340 -5.00 -16.77 18.16
C LYS B 340 -6.03 -17.87 17.94
N ASP B 341 -5.73 -18.83 17.05
CA ASP B 341 -6.64 -19.90 16.68
C ASP B 341 -6.29 -21.26 17.30
N ASN B 342 -5.36 -21.31 18.26
CA ASN B 342 -5.11 -22.54 19.03
C ASN B 342 -4.54 -22.12 20.39
N ASN B 343 -4.29 -23.10 21.26
CA ASN B 343 -3.95 -22.76 22.64
C ASN B 343 -2.47 -22.47 22.85
N SER B 344 -1.66 -22.50 21.78
CA SER B 344 -0.33 -21.91 21.80
C SER B 344 0.57 -22.55 22.86
N ILE B 345 0.42 -23.87 23.06
CA ILE B 345 1.30 -24.59 23.96
C ILE B 345 2.67 -24.73 23.32
N ILE B 346 3.72 -24.38 24.08
CA ILE B 346 5.06 -24.35 23.51
C ILE B 346 6.02 -25.11 24.42
N THR B 347 7.15 -25.49 23.84
CA THR B 347 8.19 -26.23 24.52
C THR B 347 9.30 -25.28 24.97
N ARG B 348 10.20 -25.81 25.80
CA ARG B 348 11.35 -25.03 26.24
C ARG B 348 12.15 -24.48 25.07
N LYS B 349 12.28 -25.27 23.99
CA LYS B 349 13.03 -24.83 22.82
C LYS B 349 12.28 -23.73 22.07
N GLU B 350 10.96 -23.88 21.93
CA GLU B 350 10.15 -22.81 21.35
C GLU B 350 10.20 -21.54 22.22
N PHE B 351 10.20 -21.70 23.55
CA PHE B 351 10.42 -20.56 24.45
C PHE B 351 11.75 -19.87 24.16
N GLN B 352 12.81 -20.65 23.96
CA GLN B 352 14.10 -20.05 23.64
C GLN B 352 14.05 -19.29 22.32
N GLU B 353 13.22 -19.75 21.37
CA GLU B 353 13.09 -19.07 20.10
C GLU B 353 12.29 -17.78 20.22
N GLY B 354 11.27 -17.77 21.08
CA GLY B 354 10.57 -16.53 21.36
C GLY B 354 11.48 -15.47 21.97
N LEU B 355 12.31 -15.86 22.93
CA LEU B 355 13.27 -14.92 23.48
C LEU B 355 14.16 -14.33 22.38
N LYS B 356 14.52 -15.14 21.38
CA LYS B 356 15.38 -14.63 20.30
C LYS B 356 14.68 -13.50 19.53
N ILE B 357 13.38 -13.66 19.28
CA ILE B 357 12.60 -12.69 18.53
C ILE B 357 12.34 -11.41 19.34
N PHE B 358 12.22 -11.50 20.65
CA PHE B 358 12.00 -10.34 21.49
C PHE B 358 13.30 -9.71 21.98
N PHE B 359 14.41 -10.43 21.92
CA PHE B 359 15.69 -9.93 22.44
C PHE B 359 16.80 -10.27 21.44
N PRO B 360 16.79 -9.64 20.25
CA PRO B 360 17.70 -10.09 19.19
C PRO B 360 19.16 -9.81 19.46
N GLY B 361 19.49 -8.76 20.21
CA GLY B 361 20.86 -8.45 20.51
C GLY B 361 21.37 -8.91 21.85
N VAL B 362 20.68 -9.80 22.51
CA VAL B 362 21.08 -10.20 23.85
C VAL B 362 21.98 -11.42 23.75
N SER B 363 22.98 -11.50 24.61
CA SER B 363 23.89 -12.64 24.59
C SER B 363 23.15 -13.92 24.95
N GLU B 364 23.72 -15.03 24.51
CA GLU B 364 23.19 -16.34 24.88
C GLU B 364 23.11 -16.52 26.39
N PHE B 365 24.03 -15.90 27.13
CA PHE B 365 24.05 -15.97 28.59
C PHE B 365 22.90 -15.15 29.19
N GLY B 366 22.66 -13.96 28.64
CA GLY B 366 21.57 -13.15 29.13
C GLY B 366 20.22 -13.77 28.84
N LYS B 367 20.05 -14.33 27.63
CA LYS B 367 18.82 -15.05 27.34
C LYS B 367 18.65 -16.28 28.20
N GLU B 368 19.75 -16.94 28.56
CA GLU B 368 19.63 -18.03 29.51
C GLU B 368 19.15 -17.52 30.86
N SER B 369 19.60 -16.33 31.27
CA SER B 369 19.25 -15.86 32.60
C SER B 369 17.81 -15.38 32.65
N ILE B 370 17.30 -14.79 31.56
CA ILE B 370 15.87 -14.58 31.45
C ILE B 370 15.13 -15.90 31.66
N LEU B 371 15.51 -16.94 30.90
CA LEU B 371 14.87 -18.25 31.04
C LEU B 371 14.85 -18.70 32.50
N PHE B 372 16.04 -18.90 33.09
CA PHE B 372 16.13 -19.34 34.48
C PHE B 372 15.16 -18.60 35.41
N HIS B 373 15.22 -17.25 35.42
CA HIS B 373 14.42 -16.47 36.37
C HIS B 373 12.92 -16.74 36.23
N TYR B 374 12.46 -17.12 35.03
CA TYR B 374 11.05 -17.28 34.71
C TYR B 374 10.59 -18.74 34.65
N THR B 375 11.40 -19.69 35.15
CA THR B 375 11.03 -21.11 35.04
C THR B 375 11.00 -21.80 36.40
N ASP B 376 10.99 -21.06 37.50
CA ASP B 376 10.83 -21.65 38.82
C ASP B 376 9.36 -22.03 39.07
N TRP B 377 8.87 -22.98 38.27
CA TRP B 377 7.45 -23.36 38.27
C TRP B 377 6.95 -23.67 39.68
N VAL B 378 5.80 -23.07 40.02
CA VAL B 378 5.07 -23.49 41.21
C VAL B 378 4.52 -24.90 41.02
N ASP B 379 4.02 -25.21 39.82
CA ASP B 379 3.52 -26.53 39.45
C ASP B 379 4.17 -26.93 38.13
N ASP B 380 5.23 -27.74 38.19
CA ASP B 380 6.02 -28.07 36.99
C ASP B 380 5.39 -29.15 36.13
N GLN B 381 4.07 -29.35 36.26
CA GLN B 381 3.31 -30.25 35.40
C GLN B 381 2.63 -29.56 34.25
N ARG B 382 2.26 -28.29 34.42
CA ARG B 382 1.33 -27.63 33.51
C ARG B 382 1.97 -27.43 32.13
N PRO B 383 1.33 -27.92 31.06
CA PRO B 383 1.91 -27.74 29.72
C PRO B 383 1.90 -26.29 29.24
N GLU B 384 1.11 -25.42 29.87
CA GLU B 384 1.06 -24.02 29.50
C GLU B 384 2.06 -23.17 30.27
N ASN B 385 2.97 -23.81 31.03
CA ASN B 385 3.98 -23.07 31.78
C ASN B 385 4.82 -22.15 30.90
N TYR B 386 5.37 -22.68 29.80
CA TYR B 386 6.26 -21.84 28.97
C TYR B 386 5.47 -20.78 28.23
N ARG B 387 4.26 -21.10 27.77
CA ARG B 387 3.40 -20.09 27.16
C ARG B 387 3.19 -18.91 28.10
N GLU B 388 2.90 -19.19 29.37
CA GLU B 388 2.68 -18.09 30.31
C GLU B 388 3.97 -17.35 30.61
N ALA B 389 5.08 -18.06 30.78
CA ALA B 389 6.35 -17.41 31.08
C ALA B 389 6.67 -16.35 30.04
N LEU B 390 6.52 -16.68 28.76
CA LEU B 390 6.94 -15.79 27.68
C LEU B 390 6.08 -14.54 27.64
N GLY B 391 4.76 -14.68 27.83
CA GLY B 391 3.93 -13.50 27.93
C GLY B 391 4.29 -12.66 29.13
N ASP B 392 4.69 -13.31 30.22
CA ASP B 392 5.06 -12.55 31.41
C ASP B 392 6.41 -11.87 31.23
N VAL B 393 7.33 -12.48 30.49
CA VAL B 393 8.60 -11.83 30.19
C VAL B 393 8.35 -10.55 29.42
N VAL B 394 7.57 -10.63 28.35
CA VAL B 394 7.30 -9.48 27.50
C VAL B 394 6.56 -8.40 28.28
N GLY B 395 5.51 -8.80 29.01
CA GLY B 395 4.73 -7.84 29.78
C GLY B 395 5.52 -7.16 30.87
N ASP B 396 6.35 -7.91 31.61
CA ASP B 396 7.10 -7.32 32.72
C ASP B 396 8.17 -6.35 32.23
N TYR B 397 8.91 -6.75 31.19
CA TYR B 397 10.01 -5.95 30.72
C TYR B 397 9.51 -4.69 30.03
N ASN B 398 8.47 -4.82 29.22
CA ASN B 398 8.01 -3.72 28.40
C ASN B 398 7.01 -2.81 29.09
N PHE B 399 6.23 -3.28 30.06
CA PHE B 399 5.18 -2.41 30.59
C PHE B 399 5.13 -2.36 32.11
N ILE B 400 4.89 -3.50 32.76
CA ILE B 400 4.72 -3.52 34.22
C ILE B 400 5.95 -2.93 34.92
N CYS B 401 7.12 -3.54 34.73
CA CYS B 401 8.22 -3.06 35.57
C CYS B 401 8.62 -1.61 35.30
N PRO B 402 8.61 -1.13 34.05
CA PRO B 402 8.84 0.31 33.84
C PRO B 402 7.83 1.21 34.53
N ALA B 403 6.56 0.79 34.63
CA ALA B 403 5.57 1.66 35.26
C ALA B 403 5.75 1.73 36.78
N LEU B 404 6.09 0.60 37.41
CA LEU B 404 6.39 0.60 38.83
C LEU B 404 7.58 1.49 39.13
N GLU B 405 8.64 1.33 38.33
CA GLU B 405 9.84 2.14 38.50
C GLU B 405 9.53 3.62 38.33
N PHE B 406 8.75 3.97 37.30
CA PHE B 406 8.36 5.36 37.12
C PHE B 406 7.59 5.89 38.33
N THR B 407 6.62 5.11 38.83
CA THR B 407 5.80 5.59 39.93
C THR B 407 6.60 5.75 41.23
N LYS B 408 7.52 4.81 41.51
CA LYS B 408 8.42 4.96 42.65
C LYS B 408 9.11 6.33 42.65
N LYS B 409 9.84 6.63 41.55
CA LYS B 409 10.68 7.82 41.49
C LYS B 409 9.85 9.09 41.46
N PHE B 410 8.74 9.10 40.71
CA PHE B 410 7.88 10.26 40.68
C PHE B 410 7.31 10.56 42.06
N SER B 411 6.90 9.51 42.78
CA SER B 411 6.34 9.70 44.11
C SER B 411 7.34 10.29 45.10
N GLU B 412 8.67 10.03 44.90
CA GLU B 412 9.62 10.46 45.92
C GLU B 412 9.91 11.94 45.88
N TRP B 413 9.12 12.74 45.14
CA TRP B 413 9.28 14.18 45.07
C TRP B 413 8.08 14.90 45.68
N GLY B 414 7.45 14.29 46.68
CA GLY B 414 6.34 14.93 47.38
C GLY B 414 5.04 14.95 46.63
N ASN B 415 4.88 14.09 45.64
CA ASN B 415 3.68 14.06 44.81
C ASN B 415 2.82 12.88 45.22
N ASN B 416 1.51 13.12 45.31
CA ASN B 416 0.58 12.02 45.53
C ASN B 416 0.41 11.18 44.27
N ALA B 417 0.64 9.86 44.40
CA ALA B 417 0.59 8.92 43.30
C ALA B 417 -0.29 7.73 43.66
N PHE B 418 -1.02 7.20 42.69
CA PHE B 418 -1.91 6.06 42.88
C PHE B 418 -1.65 5.04 41.80
N PHE B 419 -1.55 3.76 42.17
CA PHE B 419 -1.21 2.70 41.24
C PHE B 419 -2.30 1.63 41.25
N TYR B 420 -2.65 1.15 40.06
CA TYR B 420 -3.70 0.15 39.90
C TYR B 420 -3.21 -1.05 39.08
N TYR B 421 -3.89 -2.17 39.27
CA TYR B 421 -3.57 -3.43 38.60
C TYR B 421 -4.89 -4.02 38.13
N PHE B 422 -5.17 -3.91 36.84
CA PHE B 422 -6.46 -4.26 36.26
C PHE B 422 -6.45 -5.73 35.84
N GLU B 423 -7.37 -6.53 36.39
CA GLU B 423 -7.36 -7.98 36.18
C GLU B 423 -8.64 -8.54 35.58
N HIS B 424 -9.58 -7.71 35.08
CA HIS B 424 -10.81 -8.24 34.52
C HIS B 424 -10.67 -8.55 33.03
N ARG B 425 -11.01 -9.77 32.65
CA ARG B 425 -11.10 -10.11 31.25
C ARG B 425 -12.51 -9.81 30.77
N SER B 426 -12.63 -8.95 29.76
CA SER B 426 -13.92 -8.65 29.15
C SER B 426 -14.60 -9.90 28.60
N SER B 427 -15.89 -10.06 28.92
CA SER B 427 -16.67 -11.19 28.46
C SER B 427 -16.85 -11.22 26.94
N LYS B 428 -16.70 -10.08 26.25
CA LYS B 428 -16.86 -10.01 24.80
C LYS B 428 -15.53 -10.09 24.05
N LEU B 429 -14.41 -10.23 24.76
CA LEU B 429 -13.08 -10.19 24.18
C LEU B 429 -12.97 -11.14 22.98
N PRO B 430 -12.63 -10.62 21.79
CA PRO B 430 -12.60 -11.48 20.58
C PRO B 430 -11.43 -12.46 20.54
N TRP B 431 -10.37 -12.21 21.30
CA TRP B 431 -9.15 -13.01 21.32
C TRP B 431 -9.32 -14.24 22.22
N PRO B 432 -8.52 -15.28 22.03
CA PRO B 432 -8.69 -16.51 22.81
C PRO B 432 -8.43 -16.30 24.30
N GLU B 433 -8.89 -17.28 25.09
CA GLU B 433 -8.81 -17.19 26.54
C GLU B 433 -7.39 -17.20 27.08
N TRP B 434 -6.42 -17.78 26.36
CA TRP B 434 -5.07 -17.85 26.93
C TRP B 434 -4.38 -16.50 26.99
N MET B 435 -4.78 -15.54 26.14
CA MET B 435 -4.19 -14.21 26.17
C MET B 435 -4.64 -13.40 27.38
N GLY B 436 -5.74 -13.80 28.03
CA GLY B 436 -6.04 -13.23 29.33
C GLY B 436 -6.50 -11.80 29.26
N VAL B 437 -5.91 -10.97 30.12
CA VAL B 437 -6.35 -9.60 30.36
C VAL B 437 -5.38 -8.71 29.60
N MET B 438 -5.73 -8.43 28.34
CA MET B 438 -4.76 -7.99 27.34
C MET B 438 -4.49 -6.49 27.37
N HIS B 439 -3.28 -6.12 26.93
CA HIS B 439 -2.94 -4.76 26.54
C HIS B 439 -4.08 -4.12 25.77
N GLY B 440 -4.54 -2.96 26.24
CA GLY B 440 -5.55 -2.20 25.55
C GLY B 440 -6.99 -2.51 25.91
N TYR B 441 -7.24 -3.54 26.71
CA TYR B 441 -8.61 -3.95 26.94
C TYR B 441 -9.13 -3.54 28.31
N GLU B 442 -8.49 -2.57 28.95
CA GLU B 442 -9.17 -1.81 30.00
C GLU B 442 -9.80 -0.53 29.48
N ILE B 443 -9.46 -0.10 28.25
CA ILE B 443 -9.90 1.20 27.74
C ILE B 443 -11.42 1.29 27.71
N GLU B 444 -12.09 0.21 27.24
CA GLU B 444 -13.55 0.24 27.10
C GLU B 444 -14.25 0.32 28.46
N PHE B 445 -13.61 -0.16 29.53
CA PHE B 445 -14.12 0.07 30.87
C PHE B 445 -13.85 1.50 31.37
N VAL B 446 -12.75 2.14 30.94
CA VAL B 446 -12.46 3.51 31.38
C VAL B 446 -13.40 4.50 30.70
N PHE B 447 -13.84 4.22 29.48
CA PHE B 447 -14.71 5.11 28.71
C PHE B 447 -16.19 4.82 28.89
N GLY B 448 -16.55 3.84 29.74
CA GLY B 448 -17.94 3.61 30.06
C GLY B 448 -18.71 2.81 29.06
N LEU B 449 -18.05 2.06 28.18
CA LEU B 449 -18.80 1.26 27.20
C LEU B 449 -19.74 0.24 27.83
N PRO B 450 -19.39 -0.47 28.92
CA PRO B 450 -20.34 -1.46 29.46
C PRO B 450 -21.57 -0.86 30.14
N LEU B 451 -21.63 0.47 30.32
CA LEU B 451 -22.84 1.09 30.84
C LEU B 451 -24.00 1.03 29.85
N GLU B 452 -23.76 0.64 28.61
CA GLU B 452 -24.81 0.54 27.60
C GLU B 452 -25.36 -0.88 27.64
N ARG B 453 -26.56 -1.03 28.23
CA ARG B 453 -27.06 -2.36 28.61
C ARG B 453 -27.65 -3.13 27.44
N ARG B 454 -27.89 -2.49 26.30
CA ARG B 454 -28.21 -3.23 25.09
C ARG B 454 -26.97 -3.83 24.45
N ASP B 455 -25.85 -3.73 25.14
CA ASP B 455 -24.60 -4.26 24.66
C ASP B 455 -24.24 -5.47 25.52
N ASN B 456 -23.89 -6.56 24.85
CA ASN B 456 -23.74 -7.89 25.45
C ASN B 456 -22.76 -7.98 26.62
N TYR B 457 -22.60 -6.92 27.41
CA TYR B 457 -21.73 -7.01 28.59
C TYR B 457 -22.49 -7.66 29.74
N THR B 458 -21.76 -8.01 30.78
CA THR B 458 -22.43 -8.57 31.94
C THR B 458 -22.79 -7.46 32.93
N LYS B 459 -23.71 -7.80 33.82
CA LYS B 459 -24.05 -6.90 34.91
C LYS B 459 -22.81 -6.48 35.69
N ALA B 460 -21.98 -7.46 36.09
CA ALA B 460 -20.77 -7.16 36.86
C ALA B 460 -19.87 -6.20 36.10
N GLU B 461 -19.74 -6.42 34.78
CA GLU B 461 -18.97 -5.52 33.93
C GLU B 461 -19.51 -4.10 33.93
N GLU B 462 -20.84 -3.92 34.01
CA GLU B 462 -21.37 -2.57 34.15
C GLU B 462 -20.98 -1.95 35.48
N ILE B 463 -21.04 -2.74 36.56
CA ILE B 463 -20.74 -2.20 37.89
C ILE B 463 -19.26 -1.89 38.00
N LEU B 464 -18.41 -2.75 37.45
CA LEU B 464 -16.97 -2.49 37.47
C LEU B 464 -16.64 -1.24 36.67
N SER B 465 -17.22 -1.15 35.46
CA SER B 465 -16.95 0.00 34.61
C SER B 465 -17.46 1.29 35.22
N ARG B 466 -18.58 1.23 35.95
CA ARG B 466 -19.12 2.43 36.59
C ARG B 466 -18.22 2.97 37.69
N SER B 467 -17.52 2.09 38.43
CA SER B 467 -16.61 2.55 39.47
C SER B 467 -15.31 3.09 38.89
N ILE B 468 -14.75 2.44 37.87
CA ILE B 468 -13.56 2.98 37.21
C ILE B 468 -13.87 4.36 36.63
N VAL B 469 -14.98 4.46 35.90
CA VAL B 469 -15.43 5.74 35.36
C VAL B 469 -15.53 6.78 36.47
N LYS B 470 -16.14 6.40 37.60
CA LYS B 470 -16.26 7.36 38.70
C LYS B 470 -14.90 7.71 39.29
N ARG B 471 -14.07 6.69 39.57
CA ARG B 471 -12.77 6.94 40.19
C ARG B 471 -11.90 7.84 39.32
N TRP B 472 -11.92 7.63 38.00
CA TRP B 472 -11.12 8.43 37.08
C TRP B 472 -11.57 9.88 37.08
N ALA B 473 -12.88 10.11 36.92
CA ALA B 473 -13.39 11.48 36.94
C ALA B 473 -13.13 12.15 38.28
N ASN B 474 -13.15 11.38 39.38
CA ASN B 474 -12.87 11.98 40.69
C ASN B 474 -11.41 12.39 40.81
N PHE B 475 -10.49 11.56 40.31
CA PHE B 475 -9.09 11.95 40.30
C PHE B 475 -8.89 13.23 39.51
N ALA B 476 -9.65 13.41 38.43
CA ALA B 476 -9.54 14.62 37.64
C ALA B 476 -10.03 15.84 38.42
N LYS B 477 -11.27 15.76 38.95
CA LYS B 477 -11.87 16.87 39.69
C LYS B 477 -11.11 17.20 40.98
N TYR B 478 -10.75 16.20 41.79
CA TYR B 478 -10.26 16.48 43.13
C TYR B 478 -8.78 16.14 43.36
N GLY B 479 -8.16 15.35 42.48
CA GLY B 479 -6.80 14.88 42.71
C GLY B 479 -6.70 13.62 43.54
N ASN B 480 -7.81 12.91 43.76
CA ASN B 480 -7.86 11.71 44.58
C ASN B 480 -8.89 10.76 43.98
N PRO B 481 -8.50 9.57 43.59
CA PRO B 481 -9.40 8.65 42.86
C PRO B 481 -10.41 7.92 43.75
N ASN B 482 -11.15 8.65 44.56
CA ASN B 482 -12.09 8.05 45.50
C ASN B 482 -13.40 7.67 44.81
N GLU B 483 -14.19 6.85 45.51
CA GLU B 483 -15.51 6.53 44.99
C GLU B 483 -16.56 6.81 46.05
N THR B 484 -17.76 6.26 45.87
CA THR B 484 -18.90 6.38 46.78
C THR B 484 -18.55 6.28 48.28
N ASN B 486 -19.64 4.94 50.85
CA ASN B 486 -20.06 3.92 51.80
C ASN B 486 -19.29 2.63 51.59
N ASN B 487 -19.81 1.76 50.71
CA ASN B 487 -19.21 0.44 50.46
C ASN B 487 -18.27 0.56 49.27
N SER B 488 -17.02 0.92 49.55
CA SER B 488 -16.06 1.22 48.50
C SER B 488 -14.65 1.26 49.11
N THR B 489 -13.73 0.49 48.53
CA THR B 489 -12.37 0.42 49.08
C THR B 489 -11.64 1.73 48.86
N SER B 490 -11.02 2.25 49.91
CA SER B 490 -10.25 3.48 49.78
C SER B 490 -8.93 3.18 49.08
N TRP B 491 -8.54 4.06 48.18
CA TRP B 491 -7.33 3.88 47.39
C TRP B 491 -6.18 4.62 48.04
N PRO B 492 -5.20 3.93 48.62
CA PRO B 492 -4.10 4.63 49.28
C PRO B 492 -3.00 5.02 48.32
N VAL B 493 -2.30 6.07 48.72
CA VAL B 493 -1.17 6.59 47.98
C VAL B 493 -0.06 5.55 47.85
N PHE B 494 0.55 5.49 46.66
CA PHE B 494 1.73 4.66 46.42
C PHE B 494 2.97 5.40 46.95
N LYS B 495 3.72 4.73 47.82
CA LYS B 495 4.93 5.28 48.40
C LYS B 495 6.04 4.25 48.30
N SER B 496 7.28 4.75 48.15
CA SER B 496 8.43 3.91 47.84
C SER B 496 8.62 2.76 48.81
N THR B 497 8.30 2.96 50.07
CA THR B 497 8.65 1.90 50.99
C THR B 497 7.58 0.81 51.07
N GLU B 498 6.30 1.17 51.14
CA GLU B 498 5.27 0.15 51.24
C GLU B 498 4.74 -0.30 49.90
N GLN B 499 4.70 0.62 48.93
CA GLN B 499 4.36 0.35 47.52
C GLN B 499 2.97 -0.27 47.38
N LYS B 500 1.99 0.49 47.82
CA LYS B 500 0.63 -0.03 47.83
C LYS B 500 -0.07 0.25 46.50
N TYR B 501 -0.87 -0.71 46.06
CA TYR B 501 -1.62 -0.55 44.83
C TYR B 501 -3.00 -1.16 44.99
N LEU B 502 -3.91 -0.74 44.12
CA LEU B 502 -5.30 -1.18 44.16
C LEU B 502 -5.56 -2.13 43.00
N THR B 503 -6.23 -3.23 43.31
CA THR B 503 -6.57 -4.27 42.35
C THR B 503 -7.96 -3.98 41.78
N LEU B 504 -8.14 -4.16 40.47
CA LEU B 504 -9.44 -3.92 39.81
C LEU B 504 -9.93 -5.18 39.12
N ASN B 505 -11.07 -5.71 39.58
CA ASN B 505 -11.76 -6.83 38.96
C ASN B 505 -13.19 -6.87 39.50
N THR B 506 -13.99 -7.81 39.00
CA THR B 506 -15.39 -7.87 39.41
C THR B 506 -15.58 -8.50 40.78
N GLU B 507 -14.75 -9.49 41.16
CA GLU B 507 -14.88 -10.15 42.45
C GLU B 507 -14.67 -9.20 43.63
N SER B 508 -13.42 -8.98 44.04
CA SER B 508 -13.15 -8.04 45.12
C SER B 508 -11.95 -7.19 44.76
N THR B 509 -12.01 -5.89 45.08
CA THR B 509 -10.89 -4.96 44.84
C THR B 509 -10.09 -4.81 46.14
N ARG B 510 -8.98 -5.57 46.25
CA ARG B 510 -8.12 -5.57 47.43
C ARG B 510 -7.08 -4.44 47.38
N ILE B 511 -6.32 -4.30 48.47
CA ILE B 511 -5.13 -3.47 48.52
C ILE B 511 -3.93 -4.39 48.73
N MET B 512 -2.93 -4.27 47.87
CA MET B 512 -1.76 -5.12 47.93
C MET B 512 -0.49 -4.27 47.87
N THR B 513 0.65 -4.95 47.89
CA THR B 513 1.93 -4.26 48.04
C THR B 513 2.97 -4.87 47.11
N LYS B 514 3.88 -4.02 46.64
CA LYS B 514 5.07 -4.44 45.91
C LYS B 514 4.73 -5.39 44.76
N LEU B 515 3.98 -4.85 43.79
CA LEU B 515 3.53 -5.63 42.63
C LEU B 515 4.70 -6.33 41.93
N ARG B 516 4.59 -7.64 41.78
CA ARG B 516 5.55 -8.45 40.99
C ARG B 516 7.02 -8.10 41.33
N ALA B 517 7.31 -7.87 42.62
CA ALA B 517 8.63 -7.37 43.01
C ALA B 517 9.75 -8.32 42.60
N GLN B 518 9.48 -9.64 42.63
CA GLN B 518 10.55 -10.60 42.37
C GLN B 518 10.88 -10.70 40.88
N GLN B 519 9.86 -10.64 40.01
CA GLN B 519 10.12 -10.49 38.59
C GLN B 519 10.93 -9.22 38.30
N CYS B 520 10.42 -8.06 38.74
CA CYS B 520 11.05 -6.79 38.38
C CYS B 520 12.46 -6.64 38.95
N ARG B 521 12.81 -7.36 40.03
CA ARG B 521 14.17 -7.26 40.55
C ARG B 521 15.19 -7.72 39.51
N PHE B 522 14.78 -8.65 38.64
CA PHE B 522 15.62 -9.08 37.54
C PHE B 522 15.82 -7.96 36.52
N TRP B 523 14.72 -7.29 36.13
CA TRP B 523 14.81 -6.33 35.04
C TRP B 523 15.49 -5.03 35.47
N THR B 524 15.38 -4.66 36.75
CA THR B 524 16.10 -3.47 37.21
C THR B 524 17.55 -3.78 37.61
N SER B 525 17.81 -4.94 38.23
CA SER B 525 19.06 -5.16 38.95
C SER B 525 19.97 -6.24 38.37
N PHE B 526 19.51 -7.04 37.41
CA PHE B 526 20.41 -8.01 36.78
C PHE B 526 20.49 -7.86 35.26
N PHE B 527 19.34 -7.82 34.57
CA PHE B 527 19.34 -7.66 33.12
C PHE B 527 20.21 -6.52 32.59
N PRO B 528 20.26 -5.30 33.24
CA PRO B 528 21.08 -4.20 32.69
C PRO B 528 22.58 -4.50 32.64
N LYS B 529 22.99 -5.65 33.16
CA LYS B 529 24.39 -6.05 33.26
C LYS B 529 24.74 -7.24 32.39
N VAL B 530 23.82 -7.74 31.58
CA VAL B 530 24.14 -8.85 30.68
C VAL B 530 24.66 -8.23 29.41
C1 NAG C . -22.58 12.89 -38.96
C2 NAG C . -22.19 13.54 -40.30
C3 NAG C . -23.14 14.70 -40.65
C4 NAG C . -24.59 14.26 -40.54
C5 NAG C . -24.82 13.71 -39.14
C6 NAG C . -26.23 13.27 -38.88
C7 NAG C . -19.81 13.49 -40.95
C8 NAG C . -18.46 14.11 -40.75
N2 NAG C . -20.81 14.01 -40.25
O3 NAG C . -22.86 15.17 -41.97
O4 NAG C . -25.47 15.35 -40.80
O5 NAG C . -23.97 12.56 -38.96
O6 NAG C . -26.51 13.31 -37.48
O7 NAG C . -19.99 12.55 -41.74
C1 FUC C . -27.43 12.29 -37.83
C2 FUC C . -27.53 10.91 -37.25
C3 FUC C . -27.29 11.03 -35.78
C4 FUC C . -28.35 11.93 -35.24
C5 FUC C . -28.26 13.26 -35.93
C6 FUC C . -29.33 14.17 -35.44
O2 FUC C . -26.61 10.07 -37.84
O3 FUC C . -27.35 9.81 -35.15
O4 FUC C . -29.58 11.37 -35.46
O5 FUC C . -28.41 13.10 -37.30
C1 NAG D . -8.28 17.88 -10.54
C2 NAG D . -8.59 19.34 -10.26
C3 NAG D . -7.31 20.16 -10.31
C4 NAG D . -6.32 19.60 -9.31
C5 NAG D . -6.06 18.14 -9.63
C6 NAG D . -5.13 17.46 -8.64
C7 NAG D . -10.87 20.00 -10.87
C8 NAG D . -11.26 19.59 -9.47
N2 NAG D . -9.58 19.87 -11.19
O3 NAG D . -7.61 21.53 -10.04
O4 NAG D . -5.10 20.35 -9.31
O5 NAG D . -7.30 17.40 -9.60
O6 NAG D . -4.77 16.15 -9.08
O7 NAG D . -11.69 20.43 -11.67
C1 NAG D . -4.63 21.15 -8.13
C2 NAG D . -4.33 22.63 -8.41
C3 NAG D . -2.90 23.00 -7.98
C4 NAG D . -1.86 22.01 -8.49
C5 NAG D . -2.38 20.58 -8.44
C6 NAG D . -1.37 19.59 -7.91
C7 NAG D . -5.34 23.90 -10.27
C8 NAG D . -6.08 24.67 -9.21
N2 NAG D . -4.52 22.93 -9.83
O3 NAG D . -2.83 23.09 -6.56
O4 NAG D . -1.49 22.33 -9.83
O5 NAG D . -3.51 20.53 -7.55
O6 NAG D . -0.74 18.91 -8.99
O7 NAG D . -5.49 24.14 -11.46
C1 NAG E . 22.16 -8.32 -41.94
C2 NAG E . 23.39 -9.10 -41.50
C3 NAG E . 24.02 -9.80 -42.69
C4 NAG E . 22.99 -10.73 -43.33
C5 NAG E . 21.70 -9.97 -43.68
C6 NAG E . 20.58 -10.88 -44.09
C7 NAG E . 25.06 -7.25 -41.33
C8 NAG E . 26.01 -6.55 -40.40
N2 NAG E . 24.37 -8.27 -40.80
O3 NAG E . 25.17 -10.53 -42.27
O4 NAG E . 23.53 -11.30 -44.51
O5 NAG E . 21.21 -9.22 -42.55
O6 NAG E . 20.62 -11.21 -45.47
O7 NAG E . 24.91 -6.89 -42.50
C1 FUL E . 19.48 -11.97 -46.14
C2 FUL E . 18.72 -13.16 -45.65
O2 FUL E . 19.34 -13.71 -44.53
C3 FUL E . 17.32 -12.74 -45.33
O3 FUL E . 16.55 -13.86 -45.08
C4 FUL E . 16.70 -11.91 -46.42
O4 FUL E . 15.94 -12.70 -47.25
C5 FUL E . 17.70 -11.07 -47.19
C6 FUL E . 17.13 -10.63 -48.50
O5 FUL E . 18.93 -11.70 -47.38
C1 NAG F . -7.23 2.51 -0.57
C2 NAG F . -8.48 3.23 -0.08
C3 NAG F . -8.34 4.74 -0.27
C4 NAG F . -7.05 5.23 0.39
C5 NAG F . -5.86 4.44 -0.12
C6 NAG F . -4.57 4.80 0.57
C7 NAG F . -10.38 1.69 -0.31
C8 NAG F . -11.59 1.31 -1.14
N2 NAG F . -9.67 2.72 -0.77
O3 NAG F . -9.49 5.39 0.27
O4 NAG F . -6.83 6.62 0.16
O5 NAG F . -6.08 3.03 0.10
O6 NAG F . -3.49 4.93 -0.35
O7 NAG F . -10.09 1.10 0.72
C1 NAG F . -7.31 7.94 0.76
C2 NAG F . -6.61 9.27 0.41
C3 NAG F . -7.55 10.45 0.70
C4 NAG F . -8.84 10.29 -0.10
C5 NAG F . -9.52 8.96 0.25
C6 NAG F . -10.74 8.69 -0.59
C7 NAG F . -4.18 8.89 0.72
C8 NAG F . -2.99 9.17 1.58
N2 NAG F . -5.34 9.43 1.13
O3 NAG F . -6.88 11.67 0.36
O4 NAG F . -9.74 11.36 0.15
O5 NAG F . -8.60 7.86 0.04
O6 NAG F . -11.68 7.85 0.06
O7 NAG F . -4.11 8.22 -0.31
C1 NAG G . -16.06 -10.78 3.77
C2 NAG G . -16.79 -11.91 4.56
C3 NAG G . -16.99 -13.19 3.71
C4 NAG G . -16.01 -13.24 2.54
C5 NAG G . -14.67 -12.70 2.99
C6 NAG G . -13.58 -12.91 1.96
C7 NAG G . -16.47 -11.65 6.97
C8 NAG G . -15.68 -12.07 8.16
N2 NAG G . -16.12 -12.22 5.81
O3 NAG G . -18.32 -13.27 3.22
O4 NAG G . -15.84 -14.59 2.11
O5 NAG G . -14.79 -11.29 3.20
O6 NAG G . -12.31 -12.52 2.46
O7 NAG G . -17.38 -10.83 7.04
C1 NAG G . -15.93 -15.72 1.24
C2 NAG G . -15.46 -17.17 1.33
C3 NAG G . -16.06 -18.00 0.20
C4 NAG G . -17.58 -17.82 0.15
C5 NAG G . -17.95 -16.34 0.13
C6 NAG G . -19.44 -16.11 0.21
C7 NAG G . -13.23 -17.32 2.39
C8 NAG G . -13.95 -17.33 3.71
N2 NAG G . -14.00 -17.25 1.30
O3 NAG G . -15.74 -19.37 0.39
O4 NAG G . -18.10 -18.44 -1.02
O5 NAG G . -17.36 -15.68 1.26
O6 NAG G . -19.76 -14.72 0.32
O7 NAG G . -12.00 -17.37 2.32
C1 FUL G . -11.62 -13.36 1.51
C2 FUL G . -10.58 -12.77 2.38
O2 FUL G . -10.47 -13.48 3.57
C3 FUL G . -9.27 -12.77 1.65
O3 FUL G . -8.32 -12.15 2.43
C4 FUL G . -9.40 -12.14 0.29
O4 FUL G . -9.29 -10.76 0.34
C5 FUL G . -10.66 -12.57 -0.41
C6 FUL G . -10.93 -11.68 -1.58
O5 FUL G . -11.77 -12.53 0.41
C1 NAG H . 22.52 1.53 10.80
C2 NAG H . 22.43 0.19 11.52
C3 NAG H . 23.29 -0.84 10.79
C4 NAG H . 22.88 -0.93 9.33
C5 NAG H . 22.88 0.45 8.68
C6 NAG H . 22.31 0.45 7.27
C7 NAG H . 21.98 0.56 13.90
C8 NAG H . 22.57 0.64 15.28
N2 NAG H . 22.84 0.30 12.92
O3 NAG H . 23.11 -2.11 11.42
O4 NAG H . 23.79 -1.77 8.62
O5 NAG H . 22.10 1.37 9.44
O6 NAG H . 21.38 -0.60 7.05
O7 NAG H . 20.78 0.73 13.69
C1 NAG H . 23.86 -3.23 8.45
C2 NAG H . 24.65 -3.72 7.25
C3 NAG H . 24.41 -5.21 7.03
C4 NAG H . 24.67 -6.00 8.31
C5 NAG H . 23.91 -5.40 9.49
C6 NAG H . 24.27 -6.03 10.81
C7 NAG H . 25.00 -1.87 5.66
C8 NAG H . 24.54 -1.23 4.40
N2 NAG H . 24.33 -2.97 6.05
O3 NAG H . 25.25 -5.69 5.99
O4 NAG H . 24.28 -7.36 8.14
O5 NAG H . 24.20 -3.99 9.60
O6 NAG H . 23.12 -6.23 11.63
O7 NAG H . 25.95 -1.44 6.31
C1 FUL H . 20.28 -1.46 6.40
C2 FUL H . 20.02 -0.49 5.30
O2 FUL H . 21.12 -0.53 4.47
C3 FUL H . 18.79 -0.74 4.46
O3 FUL H . 18.17 0.46 4.16
C4 FUL H . 17.81 -1.71 5.05
O4 FUL H . 16.86 -1.04 5.79
C5 FUL H . 18.47 -2.69 5.95
C6 FUL H . 17.44 -3.61 6.53
O5 FUL H . 19.12 -1.98 6.94
C1 GOL I . -18.53 -0.52 -27.05
O1 GOL I . -18.61 -0.11 -25.70
C2 GOL I . -19.23 -1.86 -27.29
O2 GOL I . -20.13 -2.19 -26.25
C3 GOL I . -19.87 -1.92 -28.68
O3 GOL I . -20.71 -0.79 -28.87
C1 GOL J . 16.05 -13.57 -18.88
O1 GOL J . 14.94 -14.06 -19.63
C2 GOL J . 15.64 -12.60 -17.75
O2 GOL J . 15.72 -13.29 -16.53
C3 GOL J . 16.55 -11.37 -17.68
O3 GOL J . 16.08 -10.33 -18.53
C1 GOL K . -3.11 16.85 -31.82
O1 GOL K . -3.10 16.03 -32.97
C2 GOL K . -2.35 16.17 -30.68
O2 GOL K . -3.15 16.13 -29.52
C3 GOL K . -1.01 16.85 -30.37
O3 GOL K . -1.18 18.17 -29.90
C1 EDO L . -14.40 -15.53 -24.71
O1 EDO L . -13.49 -14.52 -25.20
C2 EDO L . -13.74 -16.46 -23.68
O2 EDO L . -12.31 -16.30 -23.71
C2 5HH M . 5.72 -12.10 -27.68
C3 5HH M . 4.35 -11.95 -27.48
C4 5HH M . -3.30 -17.43 -28.63
C5 5HH M . -2.68 -15.74 -27.01
C6 5HH M . 6.25 -12.19 -28.96
C7 5HH M . 3.50 -11.89 -28.57
C10 5HH M . -2.10 -14.98 -28.01
C11 5HH M . 5.04 -12.10 -32.41
C12 5HH M . 3.13 -11.87 -30.96
C14 5HH M . 4.00 -11.95 -29.86
C16 5HH M . 3.66 -11.95 -32.24
C18 5HH M . 1.69 -15.52 -32.78
C19 5HH M . 0.27 -16.52 -30.89
C20 5HH M . -0.67 -14.98 -32.62
C21 5HH M . 0.69 -14.37 -32.73
C13 5HH M . 5.38 -12.12 -30.05
C8 5HH M . 5.90 -12.18 -31.34
S1 5HH M . 2.69 -11.85 -33.71
O1 5HH M . 2.89 -10.50 -34.37
O2 5HH M . 3.17 -12.87 -34.75
N2 5HH M . 1.18 -12.12 -33.43
C23 5HH M . 0.76 -13.46 -33.95
C17 5HH M . 1.69 -16.07 -31.33
N1 5HH M . -0.85 -15.60 -31.30
C22 5HH M . -1.52 -14.70 -30.34
C15 5HH M . -2.13 -15.45 -29.33
C9 5HH M . -2.74 -16.67 -29.64
C1 5HH M . -3.28 -16.97 -27.32
CL CL N . -1.32 -10.42 -27.45
C1 NAG O . -28.32 9.74 -23.33
C2 NAG O . -29.69 10.13 -23.94
C3 NAG O . -30.49 11.08 -23.02
C4 NAG O . -30.38 10.72 -21.53
C5 NAG O . -28.93 10.45 -21.19
C6 NAG O . -28.69 10.11 -19.73
C7 NAG O . -29.56 10.13 -26.41
C8 NAG O . -29.94 8.67 -26.36
N2 NAG O . -29.48 10.75 -25.23
O3 NAG O . -31.86 11.03 -23.42
O4 NAG O . -30.85 11.79 -20.73
O5 NAG O . -28.49 9.35 -21.98
O6 NAG O . -29.00 8.76 -19.41
O7 NAG O . -29.36 10.71 -27.47
C1 NAG P . -1.48 -34.16 -32.27
C2 NAG P . -0.59 -35.40 -32.34
C3 NAG P . 0.72 -35.03 -33.02
C4 NAG P . 0.43 -34.64 -34.46
C5 NAG P . -0.51 -33.43 -34.47
C6 NAG P . -1.76 -33.65 -35.28
C7 NAG P . -1.14 -36.92 -30.49
C8 NAG P . -2.34 -37.34 -31.31
N2 NAG P . -0.36 -35.99 -31.03
O3 NAG P . 1.62 -36.14 -32.96
O4 NAG P . 1.62 -34.33 -35.17
O5 NAG P . -0.93 -33.09 -33.13
O6 NAG P . -1.59 -33.31 -36.65
O7 NAG P . -0.92 -37.40 -29.39
C1 GOL Q . -20.89 9.77 16.84
O1 GOL Q . -21.53 8.69 16.19
C2 GOL Q . -20.97 9.61 18.37
O2 GOL Q . -21.32 8.29 18.72
C3 GOL Q . -19.61 9.95 18.98
O3 GOL Q . -19.76 10.37 20.32
C1 GOL R . -14.39 -4.35 21.45
O1 GOL R . -15.36 -3.55 20.79
C2 GOL R . -15.04 -5.52 22.20
O2 GOL R . -15.73 -6.47 21.37
C3 GOL R . -14.00 -6.20 23.10
O3 GOL R . -14.70 -6.63 24.27
C1 EDO S . 3.46 14.65 -1.94
O1 EDO S . 2.33 13.80 -1.72
C2 EDO S . 3.09 16.00 -2.54
O2 EDO S . 2.15 16.72 -1.72
C1 EDO T . 13.21 2.60 19.70
O1 EDO T . 11.92 3.25 19.84
C2 EDO T . 13.76 2.28 21.10
O2 EDO T . 15.10 1.76 21.02
C2 5HH U . 4.78 -0.90 22.22
C3 5HH U . 3.38 -0.90 22.38
C4 5HH U . -4.33 -6.39 20.08
C5 5HH U . -4.02 -4.47 21.51
C6 5HH U . 5.34 -0.90 20.95
C7 5HH U . 2.53 -0.90 21.28
C10 5HH U . -3.36 -3.81 20.48
C11 5HH U . 4.22 -0.84 17.47
C12 5HH U . 2.22 -0.88 18.86
C14 5HH U . 3.07 -0.89 20.00
C16 5HH U . 2.83 -0.87 17.60
C18 5HH U . 1.45 -4.95 17.69
C19 5HH U . -0.71 -5.57 18.43
C20 5HH U . -0.60 -4.05 16.50
C21 5HH U . 0.84 -3.78 16.99
C13 5HH U . 4.47 -0.88 19.86
C8 5HH U . 5.03 -0.85 18.59
S1 5HH U . 1.96 -0.79 16.09
O1 5HH U . 0.91 0.30 16.26
O2 5HH U . 2.98 -0.39 15.06
N2 5HH U . 1.20 -2.09 15.50
C23 5HH U . 1.70 -3.40 15.82
C17 5HH U . 0.62 -5.07 18.92
N1 5HH U . -1.45 -4.60 17.58
C22 5HH U . -2.47 -3.73 18.23
C15 5HH U . -3.17 -4.44 19.24
C9 5HH U . -3.68 -5.73 19.04
C1 5HH U . -4.52 -5.77 21.32
CL CL V . -2.86 0.43 21.52
C1 NAG W . -29.95 19.11 22.01
C2 NAG W . -31.00 19.65 23.02
C3 NAG W . -31.37 21.11 22.75
C4 NAG W . -31.11 21.52 21.31
C5 NAG W . -31.43 20.33 20.40
C6 NAG W . -31.42 20.66 18.92
C7 NAG W . -32.66 17.83 22.40
C8 NAG W . -33.91 17.16 22.88
N2 NAG W . -32.19 18.81 23.21
O3 NAG W . -30.59 21.93 23.62
O4 NAG W . -31.94 22.61 20.96
O5 NAG W . -30.42 19.33 20.61
O6 NAG W . -30.84 21.93 18.68
O7 NAG W . -32.13 17.50 21.34
C1 NAG X . -22.79 22.51 7.81
C2 NAG X . -22.89 23.20 6.41
C3 NAG X . -24.32 23.66 6.11
C4 NAG X . -25.38 22.64 6.54
C5 NAG X . -25.10 22.19 7.95
C6 NAG X . -26.11 21.20 8.48
C7 NAG X . -20.72 24.31 5.92
C8 NAG X . -20.21 22.98 5.44
N2 NAG X . -21.99 24.34 6.35
O3 NAG X . -24.43 23.90 4.71
O4 NAG X . -26.67 23.23 6.52
O5 NAG X . -23.82 21.56 7.95
O6 NAG X . -27.30 21.90 8.83
O7 NAG X . -20.01 25.31 5.91
C1 NAG Y . -13.37 27.57 37.84
C2 NAG Y . -11.96 27.99 38.26
C3 NAG Y . -12.01 29.30 39.03
C4 NAG Y . -12.68 30.36 38.19
C5 NAG Y . -14.08 29.89 37.74
C6 NAG Y . -14.76 30.84 36.77
C7 NAG Y . -11.72 25.92 39.69
C8 NAG Y . -10.69 25.03 40.33
N2 NAG Y . -11.21 26.96 39.00
O3 NAG Y . -10.68 29.71 39.37
O4 NAG Y . -12.76 31.59 38.91
O5 NAG Y . -13.98 28.62 37.07
O6 NAG Y . -14.75 32.18 37.27
O7 NAG Y . -12.92 25.69 39.79
C1 NAG Z . 22.83 21.83 0.43
C2 NAG Z . 23.19 23.30 0.62
C3 NAG Z . 22.47 24.15 -0.41
C4 NAG Z . 22.83 23.68 -1.81
C5 NAG Z . 22.53 22.19 -1.97
C6 NAG Z . 23.02 21.61 -3.28
C7 NAG Z . 23.71 23.60 3.02
C8 NAG Z . 23.23 24.12 4.33
N2 NAG Z . 22.88 23.75 1.98
O3 NAG Z . 22.84 25.52 -0.26
O4 NAG Z . 22.13 24.45 -2.78
O5 NAG Z . 23.15 21.43 -0.93
O6 NAG Z . 23.21 22.61 -4.27
O7 NAG Z . 24.81 23.05 2.90
C1 NAG AA . -0.87 -23.09 16.27
C2 NAG AA . 0.00 -24.34 16.30
C3 NAG AA . 1.38 -24.03 15.71
C4 NAG AA . 1.24 -23.43 14.31
C5 NAG AA . 0.33 -22.21 14.36
C6 NAG AA . 0.06 -21.63 12.99
C7 NAG AA . -0.65 -25.80 18.16
C8 NAG AA . -0.38 -26.19 19.59
N2 NAG AA . 0.14 -24.84 17.65
O3 NAG AA . 2.14 -25.23 15.66
O4 NAG AA . 2.51 -23.06 13.79
O5 NAG AA . -0.94 -22.58 14.92
O6 NAG AA . -1.10 -22.19 12.38
O7 NAG AA . -1.55 -26.32 17.51
C1 NAG BA . -25.01 -9.05 20.84
C2 NAG BA . -24.73 -7.95 19.79
C3 NAG BA . -25.76 -8.04 18.65
C4 NAG BA . -25.75 -9.43 18.05
C5 NAG BA . -26.03 -10.47 19.14
C6 NAG BA . -25.97 -11.89 18.64
C7 NAG BA . -24.08 -5.58 19.88
C8 NAG BA . -24.19 -4.30 20.64
N2 NAG BA . -24.73 -6.63 20.40
O3 NAG BA . -25.47 -7.06 17.65
O4 NAG BA . -26.69 -9.54 16.98
O5 NAG BA . -25.06 -10.35 20.19
O6 NAG BA . -25.50 -12.76 19.66
O7 NAG BA . -23.45 -5.67 18.82
C1 NAG CA . -13.91 12.46 47.59
C2 NAG CA . -14.75 12.59 48.87
C3 NAG CA . -15.34 13.99 48.97
C4 NAG CA . -14.24 15.03 48.84
C5 NAG CA . -13.61 14.92 47.45
C6 NAG CA . -12.10 14.94 47.47
C7 NAG CA . -15.62 10.33 49.35
C8 NAG CA . -16.83 9.45 49.36
N2 NAG CA . -15.80 11.58 48.93
O3 NAG CA . -16.01 14.14 50.22
O4 NAG CA . -14.77 16.34 49.01
O5 NAG CA . -14.01 13.70 46.81
O6 NAG CA . -11.54 14.52 48.71
O7 NAG CA . -14.51 9.91 49.70
#